data_6KP7
#
_entry.id   6KP7
#
_cell.length_a   57.885
_cell.length_b   156.288
_cell.length_c   165.288
_cell.angle_alpha   90.000
_cell.angle_beta   90.000
_cell.angle_gamma   90.000
#
_symmetry.space_group_name_H-M   'P 21 21 21'
#
loop_
_entity.id
_entity.type
_entity.pdbx_description
1 polymer 'Bifunctional dihydrofolate reductase-thymidylate synthase'
2 non-polymer 'NADPH DIHYDRO-NICOTINAMIDE-ADENINE-DINUCLEOTIDE PHOSPHATE'
3 non-polymer "2'-DEOXYURIDINE 5'-MONOPHOSPHATE"
4 non-polymer '2-[3-[3-[2,6-bis(azanyl)-5-(3-chlorophenyl)pyrimidin-4-yl]propoxy]phenoxy]ethanoic acid'
5 non-polymer GLYCEROL
6 water water
#
_entity_poly.entity_id   1
_entity_poly.type   'polypeptide(L)'
_entity_poly.pdbx_seq_one_letter_code
;MMEQVCDVFDIYAICACCKVESKNEGKKNEVFNNYTFRGLGNKGVLPWKCISLDMKYFRAVTTYVNESKYEKLKYKRCKY
LNKETVDNVNDMPNSKKLQNVVVMGRTNWESIPKKFKPLSNRINVILSRTLKKEDFDEDVYIINKVEDLIVLLGKLNYYK
CFILGGSVVYQEFLEKKLIKKIYFTRINSTYECDVFFPEINENEYQIISVSDVYTSNNTTLDFIIYKKTNNKMLNEQNCI
KGEEKNNDMPLKNDDKDTCHMKKLTEFYKNVDKYKINYENDDDDEEEDDFVYFNFNKEKEEKNKNSIHPNDFQIYNSLKY
KYHPEYQYLNIIYDIMMNGNKQSDRTGVGVLSKFGYIMKFDLSQYFPLLTTKKLFLRGIIEELLWFIRGETNGNTLLNKN
VRIWEANGTREFLDNRKLFHREVNDLGPIYGFQWRHFGAEYTNMYDNYENKGVDQLKNIINLIKNDPTSRRILLCAWNVK
DLDQMALPPCHILCQFYVFDGKLSCIMYQRSCDLGLGVPFNIASYSIFTHMIAQVCNLQPAQFIHVLGNAHVYNNHIDSL
KIQLNRIPYPFPTLKLNPDIKNIEDFTISDFTIQNYVHHEKISMDMAA
;
_entity_poly.pdbx_strand_id   A,B
#
# COMPACT_ATOMS: atom_id res chain seq x y z
N GLN A 4 -26.30 19.64 25.16
CA GLN A 4 -25.38 19.24 26.30
C GLN A 4 -24.22 20.26 26.47
N VAL A 5 -23.89 20.54 27.73
CA VAL A 5 -22.90 21.59 28.13
C VAL A 5 -21.54 21.24 27.52
N CYS A 6 -21.13 19.97 27.60
CA CYS A 6 -19.83 19.47 27.05
C CYS A 6 -19.78 19.68 25.52
N ASP A 7 -20.93 19.64 24.83
CA ASP A 7 -20.98 19.78 23.35
C ASP A 7 -20.93 21.27 23.00
N VAL A 8 -21.66 22.10 23.73
CA VAL A 8 -21.67 23.57 23.43
C VAL A 8 -20.27 24.14 23.70
N PHE A 9 -19.71 23.82 24.86
CA PHE A 9 -18.46 24.49 25.33
C PHE A 9 -17.21 23.69 24.93
N ASP A 10 -17.40 22.52 24.31
CA ASP A 10 -16.32 21.70 23.71
C ASP A 10 -15.31 21.39 24.81
N ILE A 11 -15.77 20.71 25.86
CA ILE A 11 -14.95 20.39 27.05
C ILE A 11 -14.40 18.97 26.91
N TYR A 12 -13.08 18.84 26.91
CA TYR A 12 -12.33 17.58 26.70
C TYR A 12 -11.45 17.32 27.90
N ALA A 13 -11.15 16.06 28.21
CA ALA A 13 -10.10 15.70 29.18
C ALA A 13 -8.88 15.18 28.42
N ILE A 14 -7.68 15.50 28.92
CA ILE A 14 -6.42 14.92 28.38
C ILE A 14 -5.63 14.41 29.57
N CYS A 15 -5.15 13.17 29.52
CA CYS A 15 -4.45 12.55 30.63
C CYS A 15 -3.37 11.65 30.07
N ALA A 16 -2.45 11.25 30.93
CA ALA A 16 -1.46 10.18 30.71
C ALA A 16 -1.53 9.22 31.90
N CYS A 17 -1.82 7.94 31.63
CA CYS A 17 -1.88 6.88 32.68
C CYS A 17 -0.89 5.74 32.40
N CYS A 18 -0.20 5.32 33.45
CA CYS A 18 0.74 4.19 33.47
C CYS A 18 0.05 3.00 34.16
N LYS A 19 0.76 1.87 34.23
CA LYS A 19 0.32 0.68 34.98
C LYS A 19 0.81 0.87 36.41
N VAL A 20 0.14 0.24 37.35
CA VAL A 20 0.32 0.52 38.80
C VAL A 20 0.83 -0.74 39.51
N GLU A 21 1.83 -0.59 40.36
CA GLU A 21 2.37 -1.66 41.23
C GLU A 21 1.22 -2.31 42.01
N SER A 22 1.04 -3.64 41.88
CA SER A 22 0.13 -4.47 42.72
C SER A 22 0.68 -5.90 42.81
N GLU A 30 -2.02 -12.76 34.98
CA GLU A 30 -2.52 -11.37 35.13
C GLU A 30 -3.55 -11.08 34.02
N VAL A 31 -4.71 -10.53 34.40
CA VAL A 31 -5.80 -10.16 33.47
C VAL A 31 -5.62 -8.69 33.11
N PHE A 32 -5.77 -8.33 31.84
CA PHE A 32 -5.58 -6.94 31.39
C PHE A 32 -6.93 -6.43 30.87
N ASN A 33 -7.17 -5.14 31.04
CA ASN A 33 -8.35 -4.39 30.53
C ASN A 33 -7.96 -2.90 30.43
N ASN A 34 -8.86 -2.02 29.97
CA ASN A 34 -8.55 -0.57 29.81
C ASN A 34 -8.09 0.01 31.17
N TYR A 35 -8.65 -0.51 32.29
CA TYR A 35 -8.35 -0.07 33.68
C TYR A 35 -6.93 -0.44 34.09
N THR A 36 -6.24 -1.36 33.39
CA THR A 36 -4.78 -1.57 33.58
C THR A 36 -4.01 -0.23 33.54
N PHE A 37 -4.40 0.70 32.69
CA PHE A 37 -3.73 2.01 32.52
C PHE A 37 -4.53 3.01 33.37
N ARG A 38 -4.05 3.29 34.57
CA ARG A 38 -4.83 4.17 35.49
C ARG A 38 -3.95 5.04 36.38
N GLY A 39 -2.63 4.83 36.42
CA GLY A 39 -1.76 5.60 37.32
C GLY A 39 -1.56 7.02 36.82
N LEU A 40 -1.88 8.03 37.65
CA LEU A 40 -1.76 9.46 37.27
C LEU A 40 -0.59 10.14 37.95
N GLY A 41 -0.37 9.84 39.24
CA GLY A 41 0.57 10.65 40.05
C GLY A 41 1.06 9.91 41.26
N ASN A 42 2.12 10.43 41.85
CA ASN A 42 2.72 9.84 43.05
C ASN A 42 3.24 11.00 43.89
N LYS A 43 2.80 11.13 45.15
CA LYS A 43 3.36 12.16 46.07
C LYS A 43 3.27 13.54 45.43
N GLY A 44 2.14 13.86 44.78
CA GLY A 44 1.88 15.20 44.22
C GLY A 44 2.64 15.50 42.93
N VAL A 45 3.48 14.60 42.43
CA VAL A 45 4.13 14.75 41.08
C VAL A 45 3.78 13.51 40.18
N LEU A 46 4.33 13.50 38.96
CA LEU A 46 4.09 12.38 38.00
C LEU A 46 4.80 11.12 38.49
N PRO A 47 4.27 9.92 38.17
CA PRO A 47 4.90 8.67 38.59
C PRO A 47 6.23 8.38 37.88
N TRP A 48 6.43 8.98 36.71
CA TRP A 48 7.64 8.77 35.85
C TRP A 48 8.46 10.06 35.81
N LYS A 49 9.73 9.94 35.42
CA LYS A 49 10.69 11.08 35.39
C LYS A 49 10.28 12.10 34.31
N CYS A 50 10.29 11.69 33.04
CA CYS A 50 9.96 12.52 31.86
C CYS A 50 9.71 11.55 30.70
N ILE A 51 8.54 11.68 30.08
CA ILE A 51 8.24 11.02 28.79
C ILE A 51 8.01 12.14 27.79
N SER A 52 9.06 12.48 27.07
CA SER A 52 9.12 13.70 26.23
C SER A 52 8.07 13.60 25.12
N LEU A 53 7.81 12.42 24.54
CA LEU A 53 6.87 12.37 23.42
C LEU A 53 5.46 12.66 23.94
N ASP A 54 5.09 12.23 25.15
CA ASP A 54 3.74 12.57 25.67
C ASP A 54 3.68 14.09 25.89
N MET A 55 4.76 14.69 26.38
CA MET A 55 4.80 16.16 26.59
C MET A 55 4.58 16.87 25.26
N LYS A 56 5.20 16.36 24.20
CA LYS A 56 5.05 16.96 22.86
C LYS A 56 3.61 16.83 22.41
N TYR A 57 3.00 15.66 22.55
CA TYR A 57 1.60 15.44 22.16
C TYR A 57 0.70 16.37 22.99
N PHE A 58 0.88 16.38 24.29
CA PHE A 58 0.07 17.20 25.21
C PHE A 58 0.07 18.68 24.75
N ARG A 59 1.27 19.24 24.51
CA ARG A 59 1.46 20.66 24.08
C ARG A 59 0.76 20.85 22.73
N ALA A 60 0.97 19.99 21.72
CA ALA A 60 0.28 20.13 20.42
C ALA A 60 -1.25 20.07 20.58
N VAL A 61 -1.82 19.13 21.35
CA VAL A 61 -3.29 19.00 21.43
C VAL A 61 -3.87 20.24 22.16
N THR A 62 -3.32 20.59 23.32
CA THR A 62 -3.89 21.66 24.19
C THR A 62 -3.61 23.04 23.59
N THR A 63 -2.68 23.17 22.65
CA THR A 63 -2.38 24.48 22.01
C THR A 63 -3.04 24.62 20.63
N TYR A 64 -3.38 23.54 19.92
CA TYR A 64 -3.89 23.66 18.53
C TYR A 64 -5.25 24.34 18.49
N VAL A 65 -5.39 25.31 17.60
CA VAL A 65 -6.69 25.97 17.27
C VAL A 65 -6.81 26.06 15.76
N ASN A 66 -8.04 26.04 15.27
CA ASN A 66 -8.40 26.25 13.85
C ASN A 66 -9.30 27.50 13.77
N GLU A 67 -8.70 28.64 13.42
CA GLU A 67 -9.38 29.94 13.10
C GLU A 67 -10.70 29.70 12.36
N SER A 68 -10.61 29.18 11.15
CA SER A 68 -11.75 29.05 10.20
C SER A 68 -12.91 28.30 10.86
N LYS A 69 -12.68 27.49 11.90
CA LYS A 69 -13.77 26.68 12.51
C LYS A 69 -14.40 27.41 13.69
N TYR A 70 -13.86 28.56 14.12
CA TYR A 70 -14.28 29.23 15.39
C TYR A 70 -15.68 29.81 15.24
N GLU A 71 -15.96 30.52 14.14
CA GLU A 71 -17.24 31.26 13.94
C GLU A 71 -18.42 30.29 14.11
N LYS A 72 -18.29 29.04 13.66
CA LYS A 72 -19.33 28.00 13.83
C LYS A 72 -19.50 27.72 15.33
N LEU A 73 -18.42 27.76 16.12
CA LEU A 73 -18.49 27.48 17.58
C LEU A 73 -19.11 28.67 18.31
N LYS A 74 -18.71 29.88 17.92
CA LYS A 74 -19.20 31.18 18.47
C LYS A 74 -20.73 31.23 18.31
N TYR A 75 -21.23 30.94 17.10
CA TYR A 75 -22.68 30.81 16.81
C TYR A 75 -23.33 29.78 17.76
N LYS A 76 -22.77 28.58 17.84
CA LYS A 76 -23.37 27.49 18.66
C LYS A 76 -23.54 27.97 20.10
N ARG A 77 -22.51 28.64 20.64
CA ARG A 77 -22.48 29.02 22.07
C ARG A 77 -23.42 30.21 22.26
N CYS A 78 -23.38 31.17 21.34
CA CYS A 78 -24.31 32.33 21.29
C CYS A 78 -25.75 31.82 21.32
N LYS A 79 -26.09 30.87 20.45
CA LYS A 79 -27.47 30.33 20.28
C LYS A 79 -27.92 29.71 21.60
N TYR A 80 -27.07 28.90 22.21
CA TYR A 80 -27.37 28.22 23.49
C TYR A 80 -27.58 29.24 24.61
N LEU A 81 -26.87 30.39 24.56
CA LEU A 81 -26.85 31.41 25.65
C LEU A 81 -27.85 32.55 25.36
N ASN A 82 -28.14 32.82 24.07
CA ASN A 82 -29.18 33.74 23.54
C ASN A 82 -28.56 35.12 23.29
N LYS A 83 -27.76 35.25 22.23
CA LYS A 83 -26.89 36.44 21.99
C LYS A 83 -27.00 36.87 20.53
N LYS A 97 -4.40 36.25 19.09
CA LYS A 97 -4.64 34.88 18.57
C LYS A 97 -5.73 34.18 19.40
N LEU A 98 -6.60 33.44 18.74
CA LEU A 98 -7.56 32.49 19.35
C LEU A 98 -6.77 31.48 20.18
N GLN A 99 -7.27 31.08 21.36
CA GLN A 99 -6.51 30.16 22.24
C GLN A 99 -7.51 29.15 22.79
N ASN A 100 -7.00 28.02 23.27
CA ASN A 100 -7.77 27.06 24.08
C ASN A 100 -7.71 27.52 25.53
N VAL A 101 -8.70 27.09 26.30
CA VAL A 101 -8.74 27.15 27.77
C VAL A 101 -8.18 25.85 28.29
N VAL A 102 -7.36 25.92 29.33
CA VAL A 102 -6.93 24.72 30.08
C VAL A 102 -7.31 24.91 31.55
N VAL A 103 -7.89 23.88 32.14
CA VAL A 103 -8.37 23.88 33.54
C VAL A 103 -7.55 22.89 34.35
N MET A 104 -7.01 23.33 35.48
CA MET A 104 -6.23 22.51 36.40
C MET A 104 -6.82 22.59 37.81
N GLY A 105 -6.80 21.47 38.54
CA GLY A 105 -6.85 21.42 40.01
C GLY A 105 -5.76 22.24 40.63
N ARG A 106 -5.98 22.77 41.83
CA ARG A 106 -4.92 23.50 42.54
C ARG A 106 -3.69 22.60 42.75
N THR A 107 -3.87 21.33 43.13
CA THR A 107 -2.70 20.44 43.43
C THR A 107 -1.90 20.26 42.16
N ASN A 108 -2.60 20.07 41.05
CA ASN A 108 -1.96 19.99 39.71
C ASN A 108 -1.14 21.24 39.43
N TRP A 109 -1.75 22.42 39.56
CA TRP A 109 -1.08 23.72 39.33
C TRP A 109 0.24 23.78 40.11
N GLU A 110 0.20 23.40 41.40
CA GLU A 110 1.37 23.52 42.33
C GLU A 110 2.46 22.52 41.91
N SER A 111 2.14 21.49 41.13
CA SER A 111 3.13 20.47 40.66
C SER A 111 3.93 21.03 39.48
N ILE A 112 3.47 22.04 38.77
CA ILE A 112 4.12 22.51 37.54
C ILE A 112 5.29 23.40 37.93
N PRO A 113 6.48 23.22 37.32
CA PRO A 113 7.61 24.12 37.54
C PRO A 113 7.22 25.56 37.19
N LYS A 114 7.70 26.50 38.00
CA LYS A 114 7.49 27.96 37.81
C LYS A 114 7.77 28.29 36.36
N LYS A 115 8.84 27.76 35.77
CA LYS A 115 9.27 28.17 34.43
C LYS A 115 8.22 27.77 33.36
N PHE A 116 7.29 26.85 33.64
CA PHE A 116 6.30 26.33 32.65
C PHE A 116 4.90 26.93 32.85
N LYS A 117 4.73 27.84 33.82
CA LYS A 117 3.43 28.34 34.38
C LYS A 117 3.35 29.85 34.18
N PRO A 118 2.24 30.47 33.68
CA PRO A 118 1.07 29.76 33.18
C PRO A 118 1.42 29.02 31.88
N LEU A 119 0.64 28.01 31.50
CA LEU A 119 0.95 27.24 30.27
C LEU A 119 0.86 28.22 29.09
N SER A 120 1.88 28.26 28.25
CA SER A 120 2.02 29.27 27.18
C SER A 120 1.00 29.02 26.07
N ASN A 121 0.49 30.10 25.49
CA ASN A 121 -0.45 30.15 24.36
C ASN A 121 -1.78 29.49 24.71
N ARG A 122 -2.08 29.36 26.00
CA ARG A 122 -3.36 28.83 26.54
C ARG A 122 -3.93 29.78 27.60
N ILE A 123 -5.24 29.84 27.71
CA ILE A 123 -5.92 30.53 28.83
C ILE A 123 -5.97 29.57 30.00
N ASN A 124 -5.34 29.94 31.12
CA ASN A 124 -5.18 29.08 32.30
C ASN A 124 -6.30 29.38 33.29
N VAL A 125 -6.93 28.31 33.75
CA VAL A 125 -7.98 28.33 34.79
C VAL A 125 -7.58 27.36 35.90
N ILE A 126 -7.58 27.81 37.14
CA ILE A 126 -7.31 26.97 38.34
C ILE A 126 -8.56 26.83 39.17
N LEU A 127 -8.91 25.60 39.53
CA LEU A 127 -9.95 25.29 40.54
C LEU A 127 -9.33 25.27 41.94
N SER A 128 -9.85 26.09 42.86
CA SER A 128 -9.39 26.15 44.26
C SER A 128 -10.51 26.71 45.17
N ARG A 129 -10.58 26.21 46.40
CA ARG A 129 -11.35 26.86 47.50
C ARG A 129 -10.35 27.58 48.40
N THR A 130 -9.21 26.97 48.73
CA THR A 130 -8.24 27.47 49.75
C THR A 130 -7.43 28.67 49.23
N LEU A 131 -7.39 28.90 47.92
CA LEU A 131 -6.59 29.99 47.35
C LEU A 131 -7.52 30.84 46.47
N LYS A 132 -7.20 32.14 46.38
CA LYS A 132 -8.00 33.18 45.70
C LYS A 132 -7.04 33.90 44.80
N LYS A 133 -7.52 34.82 43.97
CA LYS A 133 -6.68 35.46 42.94
C LYS A 133 -5.48 36.19 43.56
N GLU A 134 -5.64 36.72 44.78
CA GLU A 134 -4.59 37.50 45.48
C GLU A 134 -3.42 36.58 45.80
N ASP A 135 -3.62 35.26 45.80
CA ASP A 135 -2.57 34.27 46.11
C ASP A 135 -1.73 33.97 44.86
N PHE A 136 -2.04 34.53 43.69
CA PHE A 136 -1.31 34.25 42.43
C PHE A 136 -0.77 35.50 41.78
N ASP A 137 0.48 35.43 41.37
CA ASP A 137 1.14 36.50 40.60
C ASP A 137 0.77 36.41 39.12
N GLU A 138 0.37 35.21 38.67
CA GLU A 138 0.31 34.86 37.23
C GLU A 138 -1.01 35.32 36.60
N ASP A 139 -0.99 35.38 35.28
CA ASP A 139 -2.17 35.58 34.40
C ASP A 139 -3.00 34.30 34.36
N VAL A 140 -3.86 34.09 35.33
CA VAL A 140 -4.70 32.88 35.47
C VAL A 140 -6.04 33.36 35.98
N TYR A 141 -7.09 32.60 35.70
CA TYR A 141 -8.45 32.76 36.30
C TYR A 141 -8.53 31.75 37.42
N ILE A 142 -9.03 32.20 38.58
CA ILE A 142 -9.33 31.28 39.72
C ILE A 142 -10.84 31.06 39.77
N ILE A 143 -11.28 29.81 39.89
CA ILE A 143 -12.73 29.50 40.02
C ILE A 143 -12.87 28.57 41.21
N ASN A 144 -13.92 28.73 42.01
CA ASN A 144 -14.10 27.98 43.28
C ASN A 144 -15.24 26.96 43.16
N LYS A 145 -15.76 26.79 41.95
CA LYS A 145 -16.99 26.02 41.62
C LYS A 145 -16.88 25.57 40.17
N VAL A 146 -17.33 24.35 39.87
CA VAL A 146 -17.36 23.89 38.44
C VAL A 146 -18.31 24.83 37.67
N GLU A 147 -19.47 25.12 38.23
CA GLU A 147 -20.54 25.94 37.59
C GLU A 147 -19.92 27.25 37.10
N ASP A 148 -18.91 27.78 37.81
CA ASP A 148 -18.22 29.07 37.50
C ASP A 148 -17.38 28.89 36.25
N LEU A 149 -16.85 27.68 36.00
CA LEU A 149 -16.13 27.42 34.74
C LEU A 149 -17.11 27.68 33.60
N ILE A 150 -18.32 27.09 33.68
CA ILE A 150 -19.32 27.20 32.57
C ILE A 150 -19.70 28.69 32.36
N VAL A 151 -19.98 29.40 33.43
CA VAL A 151 -20.20 30.88 33.34
C VAL A 151 -18.97 31.51 32.66
N LEU A 152 -17.74 31.17 33.06
CA LEU A 152 -16.52 31.82 32.45
C LEU A 152 -16.44 31.52 30.96
N LEU A 153 -16.61 30.25 30.56
CA LEU A 153 -16.51 29.86 29.13
C LEU A 153 -17.48 30.70 28.30
N GLY A 154 -18.72 30.88 28.81
CA GLY A 154 -19.74 31.76 28.25
C GLY A 154 -19.21 33.16 27.97
N LYS A 155 -18.30 33.68 28.82
CA LYS A 155 -17.78 35.07 28.68
C LYS A 155 -16.50 35.09 27.84
N LEU A 156 -15.85 33.96 27.56
CA LEU A 156 -14.55 34.05 26.86
C LEU A 156 -14.72 33.77 25.38
N ASN A 157 -13.83 34.35 24.58
CA ASN A 157 -13.48 33.86 23.24
C ASN A 157 -12.40 32.77 23.37
N TYR A 158 -12.72 31.52 23.02
CA TYR A 158 -11.74 30.39 23.05
C TYR A 158 -12.14 29.33 22.03
N TYR A 159 -11.21 28.41 21.68
CA TYR A 159 -11.42 27.31 20.69
C TYR A 159 -12.03 26.14 21.44
N LYS A 160 -11.19 25.41 22.19
CA LYS A 160 -11.64 24.26 22.99
C LYS A 160 -11.19 24.45 24.44
N CYS A 161 -11.82 23.68 25.33
CA CYS A 161 -11.52 23.66 26.76
C CYS A 161 -11.00 22.27 27.12
N PHE A 162 -9.75 22.20 27.59
CA PHE A 162 -9.12 20.94 28.09
C PHE A 162 -8.98 20.95 29.59
N ILE A 163 -9.52 19.92 30.25
CA ILE A 163 -9.37 19.56 31.68
C ILE A 163 -8.06 18.76 31.78
N LEU A 164 -7.05 19.26 32.52
CA LEU A 164 -5.65 18.76 32.54
C LEU A 164 -5.45 17.88 33.76
N GLY A 165 -6.47 17.78 34.61
CA GLY A 165 -6.40 16.98 35.84
C GLY A 165 -6.25 17.81 37.11
N GLY A 166 -5.57 17.13 38.00
CA GLY A 166 -6.00 16.34 39.14
C GLY A 166 -6.89 15.13 38.86
N SER A 167 -6.63 14.05 39.59
CA SER A 167 -7.58 12.95 39.83
C SER A 167 -8.91 13.49 40.38
N VAL A 168 -8.86 14.38 41.36
CA VAL A 168 -10.13 14.96 41.92
C VAL A 168 -10.87 15.68 40.82
N VAL A 169 -10.15 16.48 40.03
CA VAL A 169 -10.75 17.20 38.89
C VAL A 169 -11.33 16.23 37.87
N TYR A 170 -10.59 15.22 37.40
CA TYR A 170 -11.17 14.28 36.39
C TYR A 170 -12.46 13.68 36.96
N GLN A 171 -12.40 13.21 38.21
CA GLN A 171 -13.46 12.42 38.87
C GLN A 171 -14.75 13.24 38.84
N GLU A 172 -14.68 14.54 39.16
CA GLU A 172 -15.91 15.36 39.28
C GLU A 172 -16.41 15.73 37.87
N PHE A 173 -15.54 16.04 36.91
CA PHE A 173 -16.01 16.37 35.53
C PHE A 173 -16.61 15.17 34.76
N LEU A 174 -16.06 13.97 34.92
CA LEU A 174 -16.70 12.73 34.37
C LEU A 174 -18.02 12.49 35.10
N GLU A 175 -18.03 12.47 36.44
CA GLU A 175 -19.25 12.26 37.28
C GLU A 175 -20.40 13.10 36.72
N LYS A 176 -20.11 14.35 36.35
CA LYS A 176 -21.09 15.38 35.92
C LYS A 176 -21.36 15.29 34.42
N LYS A 177 -20.74 14.34 33.71
CA LYS A 177 -20.92 14.17 32.25
C LYS A 177 -20.59 15.46 31.50
N LEU A 178 -19.57 16.21 31.92
CA LEU A 178 -19.09 17.43 31.22
C LEU A 178 -17.91 17.15 30.25
N ILE A 179 -17.57 15.89 29.99
CA ILE A 179 -16.45 15.53 29.06
C ILE A 179 -17.02 14.96 27.75
N LYS A 180 -16.74 15.62 26.63
CA LYS A 180 -17.07 15.16 25.27
C LYS A 180 -16.13 14.01 24.86
N LYS A 181 -14.82 14.15 25.03
CA LYS A 181 -13.83 13.12 24.59
C LYS A 181 -12.69 13.11 25.59
N ILE A 182 -12.10 11.95 25.84
CA ILE A 182 -10.88 11.78 26.68
C ILE A 182 -9.72 11.47 25.72
N TYR A 183 -8.74 12.36 25.62
CA TYR A 183 -7.43 12.10 24.98
C TYR A 183 -6.52 11.44 26.01
N PHE A 184 -6.29 10.14 25.82
CA PHE A 184 -5.76 9.27 26.87
C PHE A 184 -4.45 8.66 26.40
N THR A 185 -3.37 8.97 27.09
CA THR A 185 -2.05 8.39 26.74
C THR A 185 -1.91 7.10 27.54
N ARG A 186 -1.67 5.97 26.87
CA ARG A 186 -1.30 4.72 27.59
C ARG A 186 0.22 4.61 27.68
N ILE A 187 0.73 4.77 28.89
CA ILE A 187 2.17 4.70 29.18
C ILE A 187 2.43 3.23 29.57
N ASN A 188 3.14 2.49 28.72
CA ASN A 188 3.17 1.01 28.86
C ASN A 188 4.33 0.59 29.75
N SER A 189 4.31 1.07 30.99
CA SER A 189 5.33 0.73 32.00
C SER A 189 4.68 0.89 33.38
N THR A 190 5.28 0.31 34.41
CA THR A 190 4.69 0.25 35.78
C THR A 190 5.45 1.20 36.69
N TYR A 191 4.74 1.96 37.54
CA TYR A 191 5.39 2.87 38.50
C TYR A 191 4.56 2.93 39.78
N GLU A 192 5.20 3.34 40.86
CA GLU A 192 4.52 3.62 42.15
C GLU A 192 3.60 4.81 41.89
N CYS A 193 2.32 4.66 42.19
CA CYS A 193 1.28 5.71 42.07
C CYS A 193 0.47 5.83 43.38
N ASP A 194 -0.02 7.02 43.73
CA ASP A 194 -1.00 7.17 44.85
C ASP A 194 -2.29 7.83 44.35
N VAL A 195 -2.34 8.35 43.11
CA VAL A 195 -3.60 8.88 42.51
C VAL A 195 -3.82 8.22 41.17
N PHE A 196 -5.10 7.97 40.90
CA PHE A 196 -5.59 7.11 39.82
C PHE A 196 -6.63 7.86 39.04
N PHE A 197 -6.62 7.69 37.72
CA PHE A 197 -7.68 8.15 36.80
C PHE A 197 -8.91 7.33 37.11
N PRO A 198 -10.12 7.90 37.06
CA PRO A 198 -11.33 7.12 37.34
C PRO A 198 -11.52 6.02 36.29
N GLU A 199 -12.05 4.90 36.76
CA GLU A 199 -12.46 3.75 35.92
C GLU A 199 -13.48 4.30 34.94
N ILE A 200 -13.26 4.11 33.64
CA ILE A 200 -14.16 4.63 32.58
C ILE A 200 -15.31 3.64 32.38
N ASN A 201 -16.54 4.14 32.23
CA ASN A 201 -17.72 3.28 32.03
C ASN A 201 -17.92 3.07 30.53
N GLU A 202 -17.80 1.83 30.06
CA GLU A 202 -17.84 1.44 28.63
C GLU A 202 -19.18 1.83 27.99
N ASN A 203 -20.23 2.04 28.79
CA ASN A 203 -21.58 2.40 28.31
C ASN A 203 -21.66 3.93 28.11
N GLU A 204 -20.81 4.69 28.79
CA GLU A 204 -20.77 6.17 28.66
C GLU A 204 -19.71 6.59 27.63
N TYR A 205 -18.58 5.90 27.57
CA TYR A 205 -17.42 6.31 26.71
C TYR A 205 -16.92 5.08 25.94
N GLN A 206 -16.64 5.23 24.65
CA GLN A 206 -16.05 4.12 23.85
C GLN A 206 -14.83 4.67 23.08
N ILE A 207 -13.78 3.84 22.97
CA ILE A 207 -12.61 4.17 22.13
C ILE A 207 -13.10 4.41 20.69
N ILE A 208 -12.68 5.50 20.06
CA ILE A 208 -12.99 5.75 18.63
C ILE A 208 -11.72 5.77 17.81
N SER A 209 -10.54 5.94 18.41
CA SER A 209 -9.28 6.09 17.64
C SER A 209 -8.08 5.64 18.43
N VAL A 210 -7.10 5.09 17.72
CA VAL A 210 -5.91 4.50 18.36
C VAL A 210 -4.74 4.86 17.46
N SER A 211 -3.66 5.34 18.07
CA SER A 211 -2.55 5.92 17.32
C SER A 211 -1.56 4.81 16.99
N ASP A 212 -0.50 5.19 16.30
CA ASP A 212 0.76 4.41 16.23
C ASP A 212 1.30 4.16 17.64
N VAL A 213 2.18 3.17 17.73
CA VAL A 213 2.95 2.87 18.96
C VAL A 213 4.34 3.52 18.81
N TYR A 214 4.83 4.08 19.89
CA TYR A 214 6.10 4.83 19.94
C TYR A 214 6.87 4.34 21.15
N THR A 215 8.17 4.64 21.13
CA THR A 215 9.06 4.54 22.28
C THR A 215 9.55 5.95 22.63
N SER A 216 9.57 6.29 23.91
CA SER A 216 10.09 7.57 24.41
C SER A 216 10.61 7.28 25.80
N ASN A 217 11.88 7.63 26.07
CA ASN A 217 12.44 7.50 27.44
C ASN A 217 12.24 6.07 27.94
N ASN A 218 12.56 5.07 27.11
CA ASN A 218 12.69 3.65 27.49
C ASN A 218 11.33 3.06 27.84
N THR A 219 10.22 3.63 27.33
CA THR A 219 8.89 2.99 27.48
C THR A 219 8.18 3.06 26.14
N THR A 220 7.32 2.09 25.87
CA THR A 220 6.36 2.22 24.77
C THR A 220 5.12 2.95 25.32
N LEU A 221 4.39 3.60 24.42
CA LEU A 221 3.14 4.33 24.68
C LEU A 221 2.38 4.43 23.38
N ASP A 222 1.08 4.71 23.52
CA ASP A 222 0.22 5.14 22.42
C ASP A 222 -0.79 6.13 22.99
N PHE A 223 -1.60 6.63 22.08
CA PHE A 223 -2.61 7.70 22.28
C PHE A 223 -3.94 7.21 21.76
N ILE A 224 -4.92 7.10 22.64
CA ILE A 224 -6.30 6.70 22.25
C ILE A 224 -7.27 7.82 22.61
N ILE A 225 -8.39 7.83 21.90
CA ILE A 225 -9.45 8.85 22.03
C ILE A 225 -10.72 8.10 22.41
N TYR A 226 -11.26 8.40 23.58
CA TYR A 226 -12.62 7.96 24.00
C TYR A 226 -13.63 9.05 23.64
N LYS A 227 -14.82 8.63 23.20
CA LYS A 227 -15.96 9.53 22.86
C LYS A 227 -17.16 9.11 23.72
N LYS A 228 -17.85 10.11 24.30
CA LYS A 228 -19.13 9.95 25.03
C LYS A 228 -20.09 9.25 24.07
N THR A 229 -20.68 8.10 24.43
CA THR A 229 -21.49 7.27 23.49
C THR A 229 -22.87 7.90 23.23
N GLU A 286 -14.54 19.27 -7.29
CA GLU A 286 -13.50 18.19 -7.30
C GLU A 286 -14.07 16.91 -6.68
N GLU A 287 -15.07 17.02 -5.81
CA GLU A 287 -15.70 15.86 -5.11
C GLU A 287 -16.57 15.08 -6.10
N ASP A 288 -17.24 15.76 -7.02
CA ASP A 288 -18.04 15.10 -8.09
C ASP A 288 -17.10 14.22 -8.95
N ASP A 289 -15.93 14.74 -9.33
CA ASP A 289 -14.92 14.02 -10.16
C ASP A 289 -14.57 12.69 -9.46
N PHE A 290 -14.41 12.68 -8.12
CA PHE A 290 -14.16 11.46 -7.33
C PHE A 290 -15.27 10.44 -7.61
N VAL A 291 -16.54 10.87 -7.55
CA VAL A 291 -17.70 9.97 -7.81
C VAL A 291 -17.65 9.49 -9.26
N TYR A 292 -17.30 10.36 -10.22
CA TYR A 292 -17.24 9.94 -11.65
C TYR A 292 -16.23 8.77 -11.75
N PHE A 293 -15.01 8.95 -11.27
CA PHE A 293 -13.91 7.94 -11.37
C PHE A 293 -14.29 6.68 -10.59
N ASN A 294 -15.33 6.72 -9.77
CA ASN A 294 -15.84 5.53 -9.03
C ASN A 294 -17.02 4.88 -9.75
N PHE A 295 -17.39 5.28 -10.96
CA PHE A 295 -18.61 4.75 -11.64
C PHE A 295 -18.61 3.22 -11.75
N ASN A 296 -17.50 2.52 -11.56
CA ASN A 296 -17.39 1.06 -11.84
C ASN A 296 -17.27 0.26 -10.53
N LYS A 297 -17.76 0.77 -9.39
CA LYS A 297 -17.77 0.07 -8.08
C LYS A 297 -19.22 -0.27 -7.70
N LYS A 304 -18.24 -10.36 -1.60
CA LYS A 304 -18.23 -11.83 -1.81
C LYS A 304 -18.95 -12.54 -0.64
N ASN A 305 -18.25 -12.67 0.48
CA ASN A 305 -18.38 -13.81 1.43
C ASN A 305 -19.55 -13.54 2.38
N SER A 306 -20.08 -14.59 3.03
CA SER A 306 -21.28 -14.55 3.92
C SER A 306 -20.86 -14.10 5.32
N ILE A 307 -20.30 -12.89 5.39
CA ILE A 307 -19.92 -12.14 6.62
C ILE A 307 -21.01 -11.07 6.83
N HIS A 308 -21.52 -10.92 8.06
CA HIS A 308 -22.60 -9.96 8.45
C HIS A 308 -21.96 -8.66 8.98
N PRO A 309 -22.62 -7.48 8.82
CA PRO A 309 -22.03 -6.21 9.26
C PRO A 309 -21.70 -6.27 10.75
N ASN A 310 -22.72 -6.53 11.57
CA ASN A 310 -22.68 -6.54 13.06
C ASN A 310 -21.58 -7.47 13.56
N ASP A 311 -21.14 -8.42 12.73
CA ASP A 311 -20.02 -9.33 13.10
C ASP A 311 -18.76 -8.49 13.41
N PHE A 312 -18.59 -7.29 12.80
CA PHE A 312 -17.37 -6.44 12.95
C PHE A 312 -17.72 -5.04 13.49
N GLN A 313 -18.60 -4.97 14.49
CA GLN A 313 -19.21 -3.70 14.97
C GLN A 313 -18.12 -2.81 15.60
N ILE A 314 -17.36 -3.35 16.55
CA ILE A 314 -16.28 -2.59 17.26
C ILE A 314 -15.19 -2.22 16.25
N TYR A 315 -14.72 -3.18 15.47
CA TYR A 315 -13.71 -2.98 14.39
C TYR A 315 -14.11 -1.83 13.48
N ASN A 316 -15.34 -1.82 12.98
CA ASN A 316 -15.78 -0.81 11.97
C ASN A 316 -16.28 0.46 12.66
N SER A 317 -16.42 0.48 13.97
CA SER A 317 -16.79 1.72 14.72
C SER A 317 -15.59 2.68 14.88
N LEU A 318 -14.35 2.22 14.65
CA LEU A 318 -13.14 3.03 14.93
C LEU A 318 -12.91 3.98 13.77
N LYS A 319 -12.59 5.24 14.06
CA LYS A 319 -12.29 6.20 12.98
C LYS A 319 -10.85 6.01 12.55
N TYR A 320 -9.88 6.19 13.43
CA TYR A 320 -8.44 6.06 13.09
C TYR A 320 -7.91 4.79 13.76
N LYS A 321 -7.45 3.85 12.93
CA LYS A 321 -6.87 2.57 13.34
C LYS A 321 -5.39 2.61 12.96
N TYR A 322 -4.57 3.38 13.68
CA TYR A 322 -3.16 3.60 13.26
C TYR A 322 -2.24 2.67 14.02
N HIS A 323 -2.75 1.91 14.99
CA HIS A 323 -1.88 1.00 15.75
C HIS A 323 -1.35 -0.02 14.74
N PRO A 324 -0.04 -0.35 14.73
CA PRO A 324 0.50 -1.25 13.71
C PRO A 324 -0.09 -2.68 13.73
N GLU A 325 -0.71 -3.09 14.82
CA GLU A 325 -1.41 -4.40 14.87
C GLU A 325 -2.51 -4.37 13.81
N TYR A 326 -3.03 -3.20 13.42
CA TYR A 326 -4.07 -3.11 12.36
C TYR A 326 -3.52 -3.55 11.00
N GLN A 327 -2.19 -3.54 10.79
CA GLN A 327 -1.70 -4.11 9.51
C GLN A 327 -2.10 -5.59 9.45
N TYR A 328 -1.97 -6.29 10.56
CA TYR A 328 -2.38 -7.72 10.64
C TYR A 328 -3.91 -7.78 10.53
N LEU A 329 -4.63 -7.09 11.43
CA LEU A 329 -6.12 -7.24 11.52
C LEU A 329 -6.78 -6.84 10.20
N ASN A 330 -6.25 -5.83 9.48
CA ASN A 330 -6.88 -5.33 8.23
C ASN A 330 -6.76 -6.37 7.12
N ILE A 331 -5.64 -7.10 7.09
CA ILE A 331 -5.45 -8.21 6.13
C ILE A 331 -6.48 -9.31 6.45
N ILE A 332 -6.65 -9.67 7.72
CA ILE A 332 -7.67 -10.67 8.09
C ILE A 332 -9.03 -10.21 7.58
N TYR A 333 -9.34 -8.92 7.77
CA TYR A 333 -10.65 -8.35 7.37
C TYR A 333 -10.76 -8.47 5.86
N ASP A 334 -9.72 -8.07 5.14
CA ASP A 334 -9.73 -8.08 3.66
C ASP A 334 -10.00 -9.51 3.13
N ILE A 335 -9.38 -10.52 3.71
CA ILE A 335 -9.54 -11.92 3.23
C ILE A 335 -10.96 -12.39 3.59
N MET A 336 -11.47 -12.05 4.76
CA MET A 336 -12.85 -12.47 5.15
C MET A 336 -13.88 -11.85 4.21
N MET A 337 -13.73 -10.56 3.88
CA MET A 337 -14.70 -9.83 3.00
C MET A 337 -14.46 -10.10 1.51
N ASN A 338 -13.21 -10.21 1.05
CA ASN A 338 -12.88 -10.27 -0.39
C ASN A 338 -12.19 -11.58 -0.80
N GLY A 339 -11.92 -12.48 0.12
CA GLY A 339 -11.07 -13.67 -0.14
C GLY A 339 -11.77 -14.65 -1.06
N ASN A 340 -10.97 -15.50 -1.68
CA ASN A 340 -11.39 -16.47 -2.73
C ASN A 340 -11.56 -17.78 -2.00
N LYS A 341 -12.71 -18.46 -2.16
CA LYS A 341 -12.98 -19.75 -1.47
C LYS A 341 -12.19 -20.82 -2.22
N GLN A 342 -11.40 -21.62 -1.52
CA GLN A 342 -10.49 -22.55 -2.21
C GLN A 342 -10.33 -23.74 -1.30
N SER A 343 -10.15 -24.91 -1.88
CA SER A 343 -9.64 -26.11 -1.18
C SER A 343 -8.16 -25.84 -0.87
N ASP A 344 -7.56 -26.66 -0.03
CA ASP A 344 -6.08 -26.66 0.07
C ASP A 344 -5.60 -28.08 0.41
N ARG A 345 -4.28 -28.24 0.30
CA ARG A 345 -3.51 -29.44 0.74
C ARG A 345 -4.17 -30.12 1.95
N THR A 346 -4.79 -29.36 2.86
CA THR A 346 -5.20 -29.84 4.22
C THR A 346 -6.64 -30.41 4.24
N GLY A 347 -7.54 -30.04 3.31
CA GLY A 347 -8.98 -30.45 3.33
C GLY A 347 -9.96 -29.46 4.02
N VAL A 348 -9.48 -28.54 4.87
CA VAL A 348 -10.34 -27.57 5.63
C VAL A 348 -10.92 -26.55 4.63
N GLY A 349 -10.18 -26.23 3.60
CA GLY A 349 -10.57 -25.09 2.76
C GLY A 349 -10.34 -23.74 3.46
N VAL A 350 -10.12 -22.74 2.64
CA VAL A 350 -9.61 -21.43 3.09
C VAL A 350 -10.43 -20.40 2.37
N LEU A 351 -10.30 -19.18 2.85
CA LEU A 351 -10.40 -17.95 2.04
C LEU A 351 -8.96 -17.48 1.81
N SER A 352 -8.62 -17.07 0.59
CA SER A 352 -7.23 -16.72 0.22
C SER A 352 -7.22 -15.47 -0.64
N LYS A 353 -6.12 -14.76 -0.57
CA LYS A 353 -5.75 -13.69 -1.48
C LYS A 353 -4.23 -13.74 -1.67
N PHE A 354 -3.70 -12.98 -2.61
CA PHE A 354 -2.30 -13.14 -3.01
C PHE A 354 -1.64 -11.78 -2.97
N GLY A 355 -0.63 -11.62 -2.13
CA GLY A 355 0.26 -10.45 -2.21
C GLY A 355 -0.10 -9.39 -1.21
N TYR A 356 0.54 -9.39 -0.04
CA TYR A 356 0.38 -8.28 0.96
C TYR A 356 1.76 -7.89 1.47
N ILE A 357 1.87 -6.70 2.05
CA ILE A 357 3.09 -6.30 2.79
C ILE A 357 2.70 -5.70 4.13
N MET A 358 3.38 -6.08 5.19
CA MET A 358 3.28 -5.40 6.51
C MET A 358 4.65 -4.84 6.81
N LYS A 359 4.73 -3.74 7.54
CA LYS A 359 6.00 -3.13 7.99
C LYS A 359 5.91 -2.80 9.46
N PHE A 360 6.86 -3.26 10.27
CA PHE A 360 6.92 -3.02 11.72
C PHE A 360 8.21 -2.24 12.03
N ASP A 361 8.06 -1.15 12.78
CA ASP A 361 9.23 -0.32 13.18
C ASP A 361 9.80 -0.90 14.48
N LEU A 362 10.84 -1.70 14.38
CA LEU A 362 11.41 -2.35 15.57
C LEU A 362 12.15 -1.33 16.45
N SER A 363 12.49 -0.14 15.96
CA SER A 363 13.05 0.94 16.83
C SER A 363 12.00 1.43 17.85
N GLN A 364 10.70 1.28 17.58
CA GLN A 364 9.62 1.88 18.40
C GLN A 364 8.87 0.86 19.25
N TYR A 365 8.91 -0.43 18.89
CA TYR A 365 8.13 -1.46 19.60
C TYR A 365 8.55 -2.85 19.09
N PHE A 366 8.13 -3.85 19.85
CA PHE A 366 8.24 -5.28 19.48
C PHE A 366 6.85 -5.75 19.12
N PRO A 367 6.59 -6.13 17.85
CA PRO A 367 5.25 -6.39 17.40
C PRO A 367 4.68 -7.76 17.76
N LEU A 368 4.55 -8.02 19.06
CA LEU A 368 3.87 -9.23 19.58
C LEU A 368 2.38 -8.94 19.68
N LEU A 369 1.55 -9.66 18.94
CA LEU A 369 0.11 -9.28 18.89
C LEU A 369 -0.46 -9.22 20.33
N THR A 370 -1.33 -8.22 20.55
CA THR A 370 -1.98 -7.93 21.85
C THR A 370 -3.44 -8.36 21.82
N THR A 371 -4.02 -8.63 20.65
CA THR A 371 -5.46 -8.97 20.53
C THR A 371 -5.71 -10.45 20.86
N LYS A 372 -4.66 -11.21 21.14
CA LYS A 372 -4.72 -12.53 21.82
C LYS A 372 -3.38 -12.75 22.50
N LYS A 373 -3.30 -13.77 23.37
CA LYS A 373 -2.07 -14.08 24.11
C LYS A 373 -1.17 -14.93 23.22
N LEU A 374 0.09 -14.53 23.14
CA LEU A 374 1.16 -15.32 22.50
C LEU A 374 2.28 -15.56 23.49
N PHE A 375 2.89 -16.72 23.48
CA PHE A 375 4.10 -17.06 24.27
C PHE A 375 5.24 -17.23 23.28
N LEU A 376 6.44 -16.79 23.61
CA LEU A 376 7.60 -16.81 22.68
C LEU A 376 8.66 -17.87 23.01
N ARG A 377 8.56 -18.61 24.13
CA ARG A 377 9.66 -19.55 24.49
C ARG A 377 9.93 -20.50 23.30
N GLY A 378 8.90 -21.16 22.78
CA GLY A 378 8.92 -22.14 21.67
C GLY A 378 9.57 -21.54 20.42
N ILE A 379 9.11 -20.35 20.01
CA ILE A 379 9.61 -19.78 18.73
C ILE A 379 11.03 -19.29 18.95
N ILE A 380 11.43 -18.86 20.16
CA ILE A 380 12.87 -18.55 20.41
C ILE A 380 13.70 -19.85 20.38
N GLU A 381 13.29 -20.93 21.06
CA GLU A 381 14.01 -22.26 20.98
C GLU A 381 14.13 -22.71 19.51
N GLU A 382 13.07 -22.53 18.70
CA GLU A 382 13.03 -22.90 17.27
C GLU A 382 14.08 -22.09 16.50
N LEU A 383 14.15 -20.78 16.72
CA LEU A 383 15.18 -19.94 16.05
C LEU A 383 16.59 -20.34 16.52
N LEU A 384 16.78 -20.66 17.80
CA LEU A 384 18.14 -21.04 18.25
C LEU A 384 18.53 -22.39 17.59
N TRP A 385 17.58 -23.28 17.45
CA TRP A 385 17.79 -24.61 16.78
C TRP A 385 18.12 -24.41 15.29
N PHE A 386 17.46 -23.46 14.60
CA PHE A 386 17.78 -23.11 13.21
C PHE A 386 19.25 -22.67 13.15
N ILE A 387 19.63 -21.73 14.01
CA ILE A 387 20.99 -21.12 13.95
C ILE A 387 22.04 -22.19 14.20
N ARG A 388 21.75 -23.18 15.03
CA ARG A 388 22.74 -24.25 15.28
C ARG A 388 22.83 -25.16 14.04
N GLY A 389 21.94 -25.03 13.05
CA GLY A 389 21.94 -25.93 11.88
C GLY A 389 21.27 -27.28 12.14
N GLU A 390 20.53 -27.44 13.23
CA GLU A 390 19.88 -28.73 13.58
C GLU A 390 18.66 -29.05 12.74
N THR A 391 18.46 -30.35 12.54
CA THR A 391 17.25 -30.92 11.90
C THR A 391 16.61 -32.01 12.78
N ASN A 392 17.11 -32.18 13.98
CA ASN A 392 16.67 -33.22 14.95
C ASN A 392 15.48 -32.66 15.73
N GLY A 393 14.28 -33.05 15.34
CA GLY A 393 13.04 -32.78 16.07
C GLY A 393 13.12 -33.12 17.57
N ASN A 394 13.85 -34.16 17.95
CA ASN A 394 13.90 -34.60 19.37
C ASN A 394 14.49 -33.45 20.22
N THR A 395 15.42 -32.66 19.69
CA THR A 395 16.02 -31.51 20.42
C THR A 395 14.91 -30.57 20.90
N LEU A 396 13.94 -30.24 20.07
CA LEU A 396 12.81 -29.37 20.49
C LEU A 396 11.85 -30.15 21.42
N LEU A 397 11.52 -31.41 21.12
CA LEU A 397 10.55 -32.15 21.97
C LEU A 397 11.08 -32.25 23.40
N ASN A 398 12.40 -32.38 23.58
CA ASN A 398 13.07 -32.50 24.89
C ASN A 398 13.08 -31.15 25.62
N LYS A 399 12.74 -30.06 24.95
CA LYS A 399 12.54 -28.71 25.56
C LYS A 399 11.04 -28.42 25.67
N ASN A 400 10.19 -29.43 25.52
CA ASN A 400 8.70 -29.34 25.49
C ASN A 400 8.26 -28.27 24.46
N VAL A 401 8.85 -28.28 23.27
CA VAL A 401 8.41 -27.43 22.13
C VAL A 401 7.94 -28.39 21.05
N ARG A 402 6.68 -28.29 20.62
CA ARG A 402 5.99 -29.29 19.79
C ARG A 402 5.67 -28.75 18.41
N ILE A 403 6.21 -27.60 18.05
CA ILE A 403 5.96 -26.89 16.77
C ILE A 403 6.17 -27.90 15.62
N TRP A 404 7.25 -28.70 15.67
CA TRP A 404 7.58 -29.63 14.56
C TRP A 404 7.19 -31.09 14.83
N GLU A 405 6.47 -31.40 15.91
CA GLU A 405 6.19 -32.79 16.32
C GLU A 405 5.34 -33.49 15.27
N ALA A 406 4.24 -32.88 14.82
CA ALA A 406 3.36 -33.49 13.80
C ALA A 406 4.12 -33.77 12.48
N ASN A 407 5.12 -32.96 12.11
CA ASN A 407 5.80 -33.11 10.80
C ASN A 407 6.90 -34.18 10.85
N GLY A 408 7.22 -34.72 12.02
CA GLY A 408 8.28 -35.73 12.19
C GLY A 408 7.73 -37.13 12.45
N THR A 409 6.42 -37.34 12.45
CA THR A 409 5.83 -38.67 12.83
C THR A 409 6.12 -39.72 11.75
N ARG A 410 6.10 -40.99 12.13
CA ARG A 410 6.20 -42.08 11.12
C ARG A 410 5.20 -41.85 9.99
N GLU A 411 3.94 -41.58 10.34
CA GLU A 411 2.81 -41.46 9.38
C GLU A 411 3.10 -40.29 8.45
N PHE A 412 3.50 -39.15 9.01
CA PHE A 412 3.73 -37.93 8.23
C PHE A 412 4.90 -38.20 7.28
N LEU A 413 6.02 -38.74 7.77
CA LEU A 413 7.22 -39.00 6.90
C LEU A 413 6.92 -40.00 5.78
N ASP A 414 6.13 -41.05 6.05
CA ASP A 414 5.69 -42.03 5.02
C ASP A 414 4.74 -41.41 3.98
N ASN A 415 3.81 -40.55 4.42
CA ASN A 415 2.94 -39.78 3.51
C ASN A 415 3.79 -38.90 2.61
N ARG A 416 4.96 -38.41 3.07
CA ARG A 416 5.94 -37.63 2.25
C ARG A 416 6.83 -38.58 1.43
N LYS A 417 6.62 -39.89 1.54
CA LYS A 417 7.45 -40.91 0.84
C LYS A 417 8.88 -40.92 1.41
N LEU A 418 9.06 -40.50 2.66
CA LEU A 418 10.38 -40.56 3.35
C LEU A 418 10.42 -41.85 4.19
N PHE A 419 10.27 -43.01 3.52
CA PHE A 419 10.17 -44.31 4.22
C PHE A 419 11.47 -44.58 4.96
N HIS A 420 12.61 -44.10 4.45
CA HIS A 420 13.94 -44.40 5.04
C HIS A 420 14.38 -43.30 5.99
N ARG A 421 13.46 -42.49 6.48
CA ARG A 421 13.78 -41.42 7.45
C ARG A 421 13.34 -41.86 8.86
N GLU A 422 14.23 -41.76 9.83
CA GLU A 422 13.93 -41.90 11.26
C GLU A 422 12.92 -40.81 11.69
N VAL A 423 12.02 -41.24 12.57
CA VAL A 423 11.01 -40.38 13.26
C VAL A 423 11.74 -39.15 13.82
N ASN A 424 11.17 -37.99 13.58
CA ASN A 424 11.69 -36.66 13.98
C ASN A 424 13.00 -36.29 13.25
N ASP A 425 13.40 -37.03 12.23
CA ASP A 425 14.50 -36.58 11.33
C ASP A 425 13.85 -35.77 10.22
N LEU A 426 13.82 -34.45 10.44
CA LEU A 426 13.02 -33.53 9.57
C LEU A 426 13.70 -33.31 8.21
N GLY A 427 14.91 -33.82 8.00
CA GLY A 427 15.58 -33.68 6.71
C GLY A 427 16.20 -32.28 6.58
N PRO A 428 16.62 -31.88 5.36
CA PRO A 428 17.42 -30.65 5.18
C PRO A 428 16.57 -29.37 5.12
N ILE A 429 15.93 -29.09 6.25
CA ILE A 429 15.00 -27.94 6.43
C ILE A 429 15.84 -26.73 6.83
N TYR A 430 15.18 -25.67 7.29
CA TYR A 430 15.79 -24.35 7.59
C TYR A 430 17.22 -24.40 8.05
N GLY A 431 17.47 -24.91 9.24
CA GLY A 431 18.80 -24.93 9.90
C GLY A 431 19.90 -25.46 8.98
N PHE A 432 19.60 -26.55 8.30
CA PHE A 432 20.56 -27.18 7.39
C PHE A 432 20.85 -26.23 6.21
N GLN A 433 19.82 -25.58 5.65
CA GLN A 433 19.99 -24.72 4.46
C GLN A 433 20.76 -23.46 4.91
N TRP A 434 20.45 -22.93 6.09
CA TRP A 434 21.12 -21.73 6.65
C TRP A 434 22.62 -21.99 6.89
N ARG A 435 23.00 -23.20 7.30
CA ARG A 435 24.42 -23.45 7.69
C ARG A 435 25.14 -24.29 6.64
N HIS A 436 24.44 -25.00 5.74
CA HIS A 436 25.06 -26.06 4.90
C HIS A 436 24.39 -26.20 3.53
N PHE A 437 23.80 -25.14 3.01
CA PHE A 437 23.10 -25.22 1.70
C PHE A 437 24.01 -25.90 0.68
N GLY A 438 23.50 -26.95 0.04
CA GLY A 438 24.19 -27.59 -1.09
C GLY A 438 24.92 -28.83 -0.65
N ALA A 439 25.10 -29.04 0.64
CA ALA A 439 25.65 -30.29 1.17
C ALA A 439 24.63 -31.44 0.98
N GLU A 440 25.11 -32.68 0.81
CA GLU A 440 24.24 -33.87 0.72
C GLU A 440 23.74 -34.19 2.13
N TYR A 441 22.43 -34.21 2.30
CA TYR A 441 21.88 -34.52 3.64
C TYR A 441 22.01 -36.03 3.81
N THR A 442 22.43 -36.48 4.99
CA THR A 442 22.49 -37.93 5.32
C THR A 442 21.44 -38.25 6.37
N ASN A 443 21.73 -37.90 7.62
CA ASN A 443 20.77 -38.04 8.73
C ASN A 443 21.02 -36.88 9.70
N MET A 444 20.16 -36.79 10.68
CA MET A 444 20.10 -35.65 11.62
C MET A 444 21.29 -35.68 12.60
N TYR A 445 22.02 -36.79 12.68
CA TYR A 445 23.16 -36.95 13.60
C TYR A 445 24.50 -36.68 12.93
N ASP A 446 24.55 -36.45 11.64
CA ASP A 446 25.85 -36.42 10.95
C ASP A 446 26.55 -35.10 11.32
N ASN A 447 27.85 -35.07 11.23
CA ASN A 447 28.68 -33.85 11.37
C ASN A 447 28.82 -33.22 9.99
N TYR A 448 28.16 -32.09 9.75
CA TYR A 448 28.19 -31.39 8.43
C TYR A 448 29.22 -30.25 8.44
N GLU A 449 30.16 -30.25 9.39
CA GLU A 449 31.12 -29.11 9.55
C GLU A 449 31.86 -28.87 8.23
N ASN A 450 31.83 -27.62 7.77
CA ASN A 450 32.52 -27.12 6.55
C ASN A 450 31.96 -27.72 5.28
N LYS A 451 30.76 -28.32 5.31
CA LYS A 451 30.10 -28.80 4.07
C LYS A 451 28.97 -27.84 3.75
N GLY A 452 28.82 -27.57 2.46
CA GLY A 452 27.79 -26.71 1.88
C GLY A 452 28.06 -25.25 2.21
N VAL A 453 27.11 -24.38 1.92
CA VAL A 453 27.37 -22.93 2.07
C VAL A 453 26.80 -22.47 3.40
N ASP A 454 27.64 -21.86 4.23
CA ASP A 454 27.22 -21.22 5.50
C ASP A 454 26.71 -19.81 5.20
N GLN A 455 25.47 -19.77 4.73
CA GLN A 455 24.79 -18.52 4.31
C GLN A 455 24.70 -17.55 5.47
N LEU A 456 24.39 -18.07 6.63
CA LEU A 456 24.19 -17.25 7.83
C LEU A 456 25.49 -16.50 8.14
N LYS A 457 26.59 -17.22 8.15
CA LYS A 457 27.93 -16.60 8.32
C LYS A 457 28.17 -15.60 7.18
N ASN A 458 27.75 -15.87 5.95
CA ASN A 458 28.12 -15.02 4.79
C ASN A 458 27.34 -13.69 4.91
N ILE A 459 26.08 -13.75 5.34
CA ILE A 459 25.25 -12.52 5.40
C ILE A 459 25.77 -11.65 6.55
N ILE A 460 26.13 -12.23 7.67
CA ILE A 460 26.70 -11.44 8.81
C ILE A 460 27.99 -10.73 8.33
N ASN A 461 28.83 -11.43 7.56
CA ASN A 461 30.06 -10.84 6.96
C ASN A 461 29.74 -9.73 5.96
N LEU A 462 28.70 -9.88 5.12
CA LEU A 462 28.25 -8.81 4.21
C LEU A 462 27.70 -7.59 4.97
N ILE A 463 26.92 -7.82 6.03
CA ILE A 463 26.33 -6.72 6.81
C ILE A 463 27.48 -5.91 7.43
N LYS A 464 28.51 -6.58 7.93
CA LYS A 464 29.68 -5.93 8.58
C LYS A 464 30.61 -5.30 7.55
N ASN A 465 30.92 -5.96 6.44
CA ASN A 465 32.05 -5.55 5.56
C ASN A 465 31.54 -4.95 4.27
N ASP A 466 30.28 -5.21 3.87
CA ASP A 466 29.81 -4.67 2.59
C ASP A 466 28.35 -4.24 2.73
N PRO A 467 28.02 -3.32 3.67
CA PRO A 467 26.64 -3.03 4.06
C PRO A 467 25.72 -2.48 2.96
N THR A 468 26.24 -1.88 1.89
CA THR A 468 25.43 -1.34 0.77
C THR A 468 25.16 -2.44 -0.28
N SER A 469 25.65 -3.65 -0.06
CA SER A 469 25.38 -4.85 -0.91
C SER A 469 23.86 -5.03 -1.07
N ARG A 470 23.44 -5.27 -2.31
CA ARG A 470 22.04 -5.67 -2.60
C ARG A 470 21.91 -7.19 -2.67
N ARG A 471 22.92 -7.91 -2.18
CA ARG A 471 23.03 -9.38 -2.31
C ARG A 471 22.97 -10.03 -0.94
N ILE A 472 22.46 -9.32 0.04
CA ILE A 472 22.50 -9.83 1.42
C ILE A 472 21.18 -10.60 1.66
N LEU A 473 21.16 -11.87 1.21
CA LEU A 473 19.95 -12.74 1.26
C LEU A 473 20.27 -14.07 1.86
N LEU A 474 19.34 -14.56 2.66
CA LEU A 474 19.38 -15.88 3.31
C LEU A 474 18.17 -16.64 2.72
N CYS A 475 18.39 -17.80 2.08
CA CYS A 475 17.37 -18.53 1.28
C CYS A 475 17.25 -19.97 1.76
N ALA A 476 16.06 -20.37 2.20
CA ALA A 476 15.75 -21.72 2.69
C ALA A 476 15.20 -22.60 1.57
N TRP A 477 14.75 -22.02 0.47
CA TRP A 477 14.13 -22.71 -0.68
C TRP A 477 15.18 -23.35 -1.60
N ASN A 478 15.65 -24.48 -1.17
CA ASN A 478 16.66 -25.25 -1.95
C ASN A 478 15.87 -26.26 -2.78
N VAL A 479 15.66 -25.89 -4.04
CA VAL A 479 14.86 -26.64 -5.03
C VAL A 479 15.29 -28.11 -5.08
N LYS A 480 16.60 -28.37 -5.03
CA LYS A 480 17.15 -29.74 -5.11
C LYS A 480 16.67 -30.56 -3.91
N ASP A 481 16.50 -29.97 -2.73
CA ASP A 481 16.29 -30.72 -1.48
C ASP A 481 14.81 -30.76 -1.05
N LEU A 482 13.94 -30.02 -1.71
CA LEU A 482 12.53 -29.84 -1.25
C LEU A 482 11.90 -31.20 -0.90
N ASP A 483 12.03 -32.21 -1.75
CA ASP A 483 11.29 -33.49 -1.58
C ASP A 483 11.95 -34.26 -0.42
N GLN A 484 13.16 -33.87 0.04
CA GLN A 484 13.80 -34.55 1.20
C GLN A 484 13.36 -33.89 2.52
N MET A 485 12.74 -32.71 2.47
CA MET A 485 12.25 -32.01 3.68
C MET A 485 10.94 -32.62 4.17
N ALA A 486 10.73 -32.70 5.47
CA ALA A 486 9.42 -33.03 6.08
C ALA A 486 8.39 -32.13 5.44
N LEU A 487 8.71 -30.85 5.29
CA LEU A 487 7.93 -30.03 4.33
C LEU A 487 8.75 -28.83 3.86
N PRO A 488 8.41 -28.36 2.69
CA PRO A 488 9.13 -27.27 2.04
C PRO A 488 8.92 -26.02 2.89
N PRO A 489 9.91 -25.12 2.98
CA PRO A 489 9.80 -23.98 3.90
C PRO A 489 8.68 -23.01 3.47
N CYS A 490 7.96 -22.48 4.44
CA CYS A 490 7.03 -21.35 4.21
C CYS A 490 7.81 -20.02 4.08
N HIS A 491 8.87 -19.86 4.86
CA HIS A 491 9.65 -18.60 4.89
C HIS A 491 10.81 -18.75 3.92
N ILE A 492 10.62 -18.23 2.74
CA ILE A 492 11.48 -18.54 1.58
C ILE A 492 12.85 -17.88 1.80
N LEU A 493 12.86 -16.59 2.10
CA LEU A 493 14.11 -15.81 2.13
C LEU A 493 13.92 -14.65 3.09
N CYS A 494 15.06 -14.14 3.52
CA CYS A 494 15.27 -12.88 4.30
C CYS A 494 16.25 -12.05 3.50
N GLN A 495 15.93 -10.79 3.21
CA GLN A 495 16.89 -9.88 2.56
C GLN A 495 17.15 -8.75 3.55
N PHE A 496 18.39 -8.28 3.61
CA PHE A 496 18.79 -7.26 4.61
C PHE A 496 19.17 -6.00 3.90
N TYR A 497 19.04 -4.89 4.64
CA TYR A 497 19.27 -3.54 4.13
C TYR A 497 19.92 -2.76 5.29
N VAL A 498 20.97 -2.01 4.99
CA VAL A 498 21.73 -1.27 6.03
C VAL A 498 21.80 0.19 5.58
N PHE A 499 21.35 1.11 6.43
CA PHE A 499 21.57 2.57 6.17
C PHE A 499 21.78 3.28 7.49
N ASP A 500 22.83 4.09 7.60
CA ASP A 500 22.98 4.99 8.78
C ASP A 500 23.03 4.16 10.06
N GLY A 501 23.76 3.05 10.08
CA GLY A 501 23.92 2.23 11.29
C GLY A 501 22.66 1.46 11.70
N LYS A 502 21.69 1.28 10.80
CA LYS A 502 20.41 0.59 11.15
C LYS A 502 20.14 -0.53 10.13
N LEU A 503 19.55 -1.61 10.62
CA LEU A 503 19.37 -2.85 9.85
C LEU A 503 17.87 -3.04 9.63
N SER A 504 17.45 -3.23 8.39
CA SER A 504 16.06 -3.61 8.06
C SER A 504 16.11 -4.98 7.36
N CYS A 505 15.00 -5.70 7.47
CA CYS A 505 14.88 -7.10 7.01
C CYS A 505 13.55 -7.26 6.28
N ILE A 506 13.56 -7.83 5.07
CA ILE A 506 12.35 -8.29 4.34
C ILE A 506 12.32 -9.81 4.43
N MET A 507 11.21 -10.41 4.89
CA MET A 507 11.02 -11.89 4.79
C MET A 507 9.86 -12.12 3.82
N TYR A 508 10.07 -12.99 2.83
CA TYR A 508 9.04 -13.42 1.89
C TYR A 508 8.49 -14.77 2.34
N GLN A 509 7.17 -14.82 2.52
CA GLN A 509 6.47 -16.02 3.01
C GLN A 509 5.54 -16.48 1.88
N ARG A 510 5.80 -17.66 1.33
CA ARG A 510 5.04 -18.22 0.20
C ARG A 510 3.61 -18.61 0.65
N SER A 511 3.45 -18.93 1.90
CA SER A 511 2.20 -19.53 2.41
C SER A 511 2.01 -19.10 3.84
N CYS A 512 0.90 -18.43 4.10
CA CYS A 512 0.69 -17.69 5.36
C CYS A 512 -0.67 -18.07 5.94
N ASP A 513 -0.63 -18.80 7.04
CA ASP A 513 -1.82 -19.13 7.83
C ASP A 513 -2.09 -17.91 8.71
N LEU A 514 -3.02 -17.06 8.34
CA LEU A 514 -3.15 -15.75 9.05
C LEU A 514 -3.57 -16.02 10.48
N GLY A 515 -4.45 -17.01 10.75
CA GLY A 515 -5.03 -17.20 12.10
C GLY A 515 -4.04 -17.70 13.12
N LEU A 516 -3.18 -18.64 12.74
CA LEU A 516 -2.27 -19.34 13.67
C LEU A 516 -0.81 -19.02 13.39
N GLY A 517 -0.35 -19.13 12.15
CA GLY A 517 1.09 -19.08 11.84
C GLY A 517 1.61 -17.63 11.87
N VAL A 518 0.95 -16.74 11.16
CA VAL A 518 1.53 -15.39 10.90
C VAL A 518 1.87 -14.65 12.19
N PRO A 519 1.07 -14.71 13.28
CA PRO A 519 1.43 -14.01 14.52
C PRO A 519 2.78 -14.44 15.09
N PHE A 520 3.06 -15.74 15.06
CA PHE A 520 4.36 -16.31 15.48
C PHE A 520 5.44 -15.89 14.48
N ASN A 521 5.18 -15.93 13.18
CA ASN A 521 6.17 -15.66 12.12
C ASN A 521 6.66 -14.19 12.24
N ILE A 522 5.77 -13.24 12.49
CA ILE A 522 6.13 -11.82 12.76
C ILE A 522 7.10 -11.78 13.95
N ALA A 523 6.78 -12.46 15.06
CA ALA A 523 7.62 -12.44 16.27
C ALA A 523 8.98 -13.06 15.92
N SER A 524 9.02 -14.23 15.26
CA SER A 524 10.28 -14.93 14.92
C SER A 524 11.23 -13.99 14.17
N TYR A 525 10.81 -13.42 13.06
CA TYR A 525 11.72 -12.67 12.17
C TYR A 525 12.06 -11.31 12.79
N SER A 526 11.21 -10.79 13.68
CA SER A 526 11.48 -9.56 14.47
C SER A 526 12.60 -9.83 15.46
N ILE A 527 12.54 -10.95 16.19
CA ILE A 527 13.65 -11.35 17.09
C ILE A 527 14.93 -11.55 16.28
N PHE A 528 14.85 -12.26 15.16
CA PHE A 528 16.04 -12.55 14.31
C PHE A 528 16.68 -11.27 13.84
N THR A 529 15.89 -10.30 13.41
CA THR A 529 16.40 -8.96 13.02
C THR A 529 17.19 -8.32 14.18
N HIS A 530 16.64 -8.36 15.39
CA HIS A 530 17.32 -7.84 16.61
C HIS A 530 18.65 -8.59 16.81
N MET A 531 18.63 -9.91 16.67
CA MET A 531 19.87 -10.71 16.89
C MET A 531 20.91 -10.33 15.84
N ILE A 532 20.56 -10.25 14.58
CA ILE A 532 21.53 -9.95 13.49
C ILE A 532 22.04 -8.53 13.67
N ALA A 533 21.16 -7.56 13.97
CA ALA A 533 21.56 -6.16 14.19
C ALA A 533 22.59 -6.11 15.34
N GLN A 534 22.34 -6.80 16.45
CA GLN A 534 23.21 -6.68 17.65
C GLN A 534 24.60 -7.23 17.30
N VAL A 535 24.67 -8.42 16.71
CA VAL A 535 25.99 -9.05 16.41
C VAL A 535 26.73 -8.29 15.31
N CYS A 536 26.08 -7.41 14.55
CA CYS A 536 26.76 -6.58 13.53
C CYS A 536 26.95 -5.11 14.00
N ASN A 537 26.66 -4.83 15.27
CA ASN A 537 26.78 -3.49 15.93
C ASN A 537 25.88 -2.48 15.21
N LEU A 538 24.66 -2.88 14.88
CA LEU A 538 23.65 -2.01 14.23
C LEU A 538 22.45 -1.95 15.15
N GLN A 539 21.57 -1.00 14.87
CA GLN A 539 20.28 -0.87 15.59
C GLN A 539 19.22 -1.45 14.67
N PRO A 540 18.26 -2.25 15.17
CA PRO A 540 17.16 -2.67 14.29
C PRO A 540 16.32 -1.49 13.81
N ALA A 541 15.95 -1.49 12.52
CA ALA A 541 14.99 -0.53 11.95
C ALA A 541 13.67 -1.27 11.64
N GLN A 542 13.38 -1.62 10.37
CA GLN A 542 12.06 -2.19 9.98
C GLN A 542 12.19 -3.71 9.79
N PHE A 543 11.19 -4.47 10.25
CA PHE A 543 10.87 -5.82 9.75
C PHE A 543 9.70 -5.67 8.80
N ILE A 544 9.92 -6.07 7.53
CA ILE A 544 8.97 -5.99 6.41
C ILE A 544 8.58 -7.44 6.06
N HIS A 545 7.30 -7.77 6.16
CA HIS A 545 6.74 -9.13 5.95
C HIS A 545 5.97 -9.13 4.64
N VAL A 546 6.40 -9.90 3.66
CA VAL A 546 5.69 -9.95 2.37
C VAL A 546 4.96 -11.31 2.35
N LEU A 547 3.65 -11.29 2.10
CA LEU A 547 2.79 -12.50 2.13
C LEU A 547 2.45 -12.84 0.69
N GLY A 548 2.75 -14.07 0.30
CA GLY A 548 2.32 -14.56 -1.01
C GLY A 548 0.91 -15.10 -0.90
N ASN A 549 0.77 -16.43 -0.81
CA ASN A 549 -0.58 -17.03 -0.61
C ASN A 549 -0.97 -16.80 0.84
N ALA A 550 -1.86 -15.84 1.07
CA ALA A 550 -2.30 -15.44 2.42
C ALA A 550 -3.70 -16.04 2.64
N HIS A 551 -3.91 -16.83 3.66
CA HIS A 551 -5.21 -17.55 3.77
C HIS A 551 -5.69 -17.58 5.20
N VAL A 552 -7.00 -17.54 5.34
CA VAL A 552 -7.69 -17.86 6.61
C VAL A 552 -8.35 -19.25 6.50
N TYR A 553 -8.02 -20.16 7.38
CA TYR A 553 -8.73 -21.46 7.42
C TYR A 553 -10.17 -21.22 7.85
N ASN A 554 -11.11 -21.87 7.16
CA ASN A 554 -12.57 -21.85 7.52
C ASN A 554 -12.78 -22.14 9.02
N ASN A 555 -12.01 -23.01 9.63
CA ASN A 555 -12.21 -23.38 11.06
C ASN A 555 -11.70 -22.25 11.97
N HIS A 556 -11.06 -21.19 11.45
CA HIS A 556 -10.56 -20.08 12.31
C HIS A 556 -11.52 -18.88 12.27
N ILE A 557 -12.53 -18.89 11.39
CA ILE A 557 -13.27 -17.66 11.02
C ILE A 557 -13.97 -17.08 12.26
N ASP A 558 -14.53 -17.90 13.15
CA ASP A 558 -15.35 -17.39 14.28
C ASP A 558 -14.39 -16.83 15.33
N SER A 559 -13.27 -17.51 15.57
CA SER A 559 -12.22 -17.02 16.49
C SER A 559 -11.64 -15.66 16.00
N LEU A 560 -11.45 -15.47 14.69
CA LEU A 560 -10.90 -14.20 14.16
C LEU A 560 -11.95 -13.07 14.19
N LYS A 561 -13.23 -13.38 14.04
CA LYS A 561 -14.33 -12.40 14.19
C LYS A 561 -14.26 -11.82 15.60
N ILE A 562 -14.08 -12.66 16.60
CA ILE A 562 -13.85 -12.21 18.01
C ILE A 562 -12.62 -11.28 18.05
N GLN A 563 -11.47 -11.75 17.54
CA GLN A 563 -10.18 -11.07 17.73
C GLN A 563 -10.30 -9.69 17.11
N LEU A 564 -10.92 -9.59 15.93
CA LEU A 564 -10.96 -8.33 15.15
C LEU A 564 -11.76 -7.25 15.87
N ASN A 565 -12.53 -7.61 16.90
CA ASN A 565 -13.40 -6.65 17.64
C ASN A 565 -12.70 -6.29 18.95
N ARG A 566 -11.44 -6.68 19.09
CA ARG A 566 -10.61 -6.29 20.24
C ARG A 566 -9.73 -5.11 19.81
N ILE A 567 -9.49 -4.16 20.71
CA ILE A 567 -8.66 -2.96 20.45
C ILE A 567 -7.27 -3.31 20.92
N PRO A 568 -6.27 -3.21 20.06
CA PRO A 568 -4.90 -3.46 20.49
C PRO A 568 -4.45 -2.57 21.68
N TYR A 569 -3.56 -3.11 22.51
CA TYR A 569 -2.81 -2.44 23.59
C TYR A 569 -1.47 -1.97 23.01
N PRO A 570 -0.83 -0.98 23.61
CA PRO A 570 0.51 -0.62 23.20
C PRO A 570 1.35 -1.89 23.26
N PHE A 571 2.27 -2.04 22.31
CA PHE A 571 3.11 -3.24 22.21
C PHE A 571 4.13 -3.27 23.33
N PRO A 572 4.68 -4.48 23.58
CA PRO A 572 5.84 -4.63 24.42
C PRO A 572 7.14 -4.27 23.72
N THR A 573 8.21 -4.43 24.48
CA THR A 573 9.59 -4.24 24.02
C THR A 573 10.33 -5.57 24.25
N LEU A 574 11.34 -5.79 23.41
CA LEU A 574 12.25 -6.95 23.48
C LEU A 574 13.61 -6.47 23.95
N LYS A 575 14.18 -7.08 24.97
CA LYS A 575 15.59 -6.80 25.34
C LYS A 575 16.43 -8.05 25.14
N LEU A 576 17.62 -7.84 24.58
CA LEU A 576 18.68 -8.87 24.41
C LEU A 576 19.81 -8.57 25.38
N ASN A 577 20.39 -9.63 25.91
CA ASN A 577 21.68 -9.56 26.61
C ASN A 577 22.68 -8.88 25.67
N PRO A 578 23.20 -7.67 26.01
CA PRO A 578 24.09 -6.95 25.11
C PRO A 578 25.51 -7.54 25.00
N ASP A 579 25.86 -8.48 25.89
CA ASP A 579 27.19 -9.11 25.94
C ASP A 579 27.31 -10.13 24.80
N ILE A 580 26.19 -10.50 24.15
CA ILE A 580 26.27 -11.50 23.05
C ILE A 580 26.74 -10.81 21.76
N LYS A 581 27.89 -11.21 21.25
CA LYS A 581 28.56 -10.58 20.10
C LYS A 581 28.60 -11.53 18.89
N ASN A 582 28.21 -12.79 19.05
CA ASN A 582 28.20 -13.77 17.92
C ASN A 582 26.80 -14.38 17.80
N ILE A 583 26.32 -14.57 16.57
CA ILE A 583 24.95 -15.12 16.29
C ILE A 583 24.76 -16.48 16.98
N GLU A 584 25.85 -17.27 17.12
CA GLU A 584 25.81 -18.66 17.66
C GLU A 584 25.82 -18.68 19.20
N ASP A 585 25.92 -17.53 19.87
CA ASP A 585 26.17 -17.49 21.32
C ASP A 585 24.88 -17.23 22.07
N PHE A 586 23.73 -17.04 21.41
CA PHE A 586 22.50 -16.69 22.16
C PHE A 586 21.94 -17.96 22.83
N THR A 587 21.36 -17.83 24.01
CA THR A 587 20.59 -18.90 24.69
C THR A 587 19.27 -18.30 25.14
N ILE A 588 18.36 -19.14 25.62
CA ILE A 588 16.95 -18.73 25.86
C ILE A 588 16.97 -17.57 26.88
N SER A 589 17.88 -17.56 27.84
CA SER A 589 17.85 -16.57 28.95
C SER A 589 18.35 -15.20 28.47
N ASP A 590 18.90 -15.09 27.26
CA ASP A 590 19.38 -13.79 26.70
C ASP A 590 18.23 -12.92 26.14
N PHE A 591 16.97 -13.38 26.19
CA PHE A 591 15.79 -12.68 25.62
C PHE A 591 14.78 -12.37 26.74
N THR A 592 14.39 -11.11 26.83
CA THR A 592 13.28 -10.68 27.71
C THR A 592 12.28 -9.85 26.92
N ILE A 593 11.02 -10.25 27.00
CA ILE A 593 9.83 -9.47 26.53
C ILE A 593 9.30 -8.74 27.75
N GLN A 594 9.20 -7.42 27.68
CA GLN A 594 8.81 -6.58 28.83
C GLN A 594 7.53 -5.87 28.48
N ASN A 595 6.64 -5.73 29.46
CA ASN A 595 5.45 -4.86 29.35
C ASN A 595 4.50 -5.46 28.32
N TYR A 596 4.41 -6.79 28.23
CA TYR A 596 3.42 -7.41 27.32
C TYR A 596 2.04 -7.32 27.97
N VAL A 597 1.18 -6.49 27.39
CA VAL A 597 -0.24 -6.33 27.77
C VAL A 597 -1.08 -6.91 26.64
N HIS A 598 -1.97 -7.83 26.97
CA HIS A 598 -2.70 -8.60 25.94
C HIS A 598 -4.09 -8.97 26.44
N HIS A 599 -4.97 -9.11 25.47
CA HIS A 599 -6.28 -9.76 25.56
C HIS A 599 -6.14 -11.28 25.78
N GLU A 600 -7.25 -11.90 26.14
CA GLU A 600 -7.28 -13.30 26.60
C GLU A 600 -6.88 -14.21 25.43
N LYS A 601 -6.10 -15.25 25.74
CA LYS A 601 -5.89 -16.44 24.86
C LYS A 601 -7.15 -16.75 24.06
N ILE A 602 -7.03 -17.12 22.79
CA ILE A 602 -8.09 -17.67 21.91
C ILE A 602 -7.58 -19.00 21.35
N SER A 603 -8.40 -20.06 21.35
CA SER A 603 -8.20 -21.27 20.50
C SER A 603 -8.80 -20.92 19.16
N MET A 604 -7.97 -20.85 18.12
CA MET A 604 -8.45 -20.45 16.77
C MET A 604 -9.46 -21.51 16.29
N ASP A 605 -9.20 -22.79 16.58
CA ASP A 605 -10.04 -23.96 16.18
C ASP A 605 -11.39 -23.93 16.92
N CYS B 6 -19.06 30.27 -18.05
CA CYS B 6 -19.02 28.77 -17.97
C CYS B 6 -18.94 28.34 -16.50
N ASP B 7 -18.35 29.17 -15.63
CA ASP B 7 -18.22 28.95 -14.17
C ASP B 7 -19.49 29.42 -13.45
N VAL B 8 -20.37 30.14 -14.14
CA VAL B 8 -21.70 30.50 -13.57
C VAL B 8 -22.67 29.35 -13.88
N PHE B 9 -22.76 28.96 -15.15
CA PHE B 9 -23.74 27.98 -15.66
C PHE B 9 -23.12 26.55 -15.68
N ASP B 10 -21.90 26.38 -15.13
CA ASP B 10 -21.21 25.05 -15.00
C ASP B 10 -21.38 24.26 -16.29
N ILE B 11 -20.79 24.79 -17.35
CA ILE B 11 -20.87 24.19 -18.72
C ILE B 11 -19.57 23.38 -18.93
N TYR B 12 -19.77 22.11 -19.26
CA TYR B 12 -18.72 21.09 -19.47
C TYR B 12 -18.98 20.42 -20.82
N ALA B 13 -17.91 19.90 -21.41
CA ALA B 13 -17.91 19.03 -22.60
C ALA B 13 -17.66 17.61 -22.10
N ILE B 14 -18.38 16.62 -22.63
CA ILE B 14 -18.09 15.19 -22.38
C ILE B 14 -18.04 14.54 -23.77
N CYS B 15 -16.91 13.93 -24.09
CA CYS B 15 -16.66 13.28 -25.40
C CYS B 15 -15.84 12.00 -25.20
N ALA B 16 -15.78 11.21 -26.25
CA ALA B 16 -14.98 9.96 -26.39
C ALA B 16 -14.28 10.07 -27.73
N CYS B 17 -12.94 10.08 -27.76
CA CYS B 17 -12.15 10.17 -29.01
C CYS B 17 -11.24 8.94 -29.20
N CYS B 18 -11.24 8.38 -30.40
CA CYS B 18 -10.39 7.24 -30.82
C CYS B 18 -9.21 7.83 -31.59
N LYS B 19 -8.34 6.93 -32.04
CA LYS B 19 -7.22 7.26 -32.95
C LYS B 19 -7.79 7.12 -34.37
N VAL B 20 -7.20 7.83 -35.31
CA VAL B 20 -7.75 8.00 -36.69
C VAL B 20 -6.75 7.41 -37.67
N GLU B 21 -7.21 6.63 -38.65
CA GLU B 21 -6.33 6.13 -39.75
C GLU B 21 -5.54 7.31 -40.31
N SER B 22 -4.25 7.39 -39.98
CA SER B 22 -3.37 8.56 -40.29
C SER B 22 -2.84 8.45 -41.73
N LYS B 23 -3.78 8.44 -42.69
CA LYS B 23 -3.60 8.82 -44.13
C LYS B 23 -2.45 8.03 -44.77
N ASN B 24 -2.35 6.73 -44.47
CA ASN B 24 -1.35 5.77 -45.05
C ASN B 24 0.09 6.22 -44.75
N GLU B 25 0.28 7.31 -44.01
CA GLU B 25 1.58 8.04 -43.87
C GLU B 25 1.90 8.26 -42.38
N GLY B 26 2.94 7.58 -41.88
CA GLY B 26 3.61 7.87 -40.58
C GLY B 26 5.06 8.27 -40.84
N LYS B 27 5.50 9.40 -40.25
CA LYS B 27 6.75 10.15 -40.61
C LYS B 27 7.95 9.17 -40.70
N LYS B 28 8.49 8.72 -39.55
CA LYS B 28 9.42 7.55 -39.46
C LYS B 28 8.86 6.61 -38.38
N ASN B 29 8.93 7.03 -37.12
CA ASN B 29 8.19 6.46 -35.97
C ASN B 29 7.11 7.48 -35.60
N GLU B 30 5.87 7.04 -35.37
CA GLU B 30 4.74 7.97 -35.08
C GLU B 30 5.07 8.71 -33.76
N VAL B 31 4.93 10.03 -33.77
CA VAL B 31 5.00 10.92 -32.57
C VAL B 31 3.57 11.00 -32.02
N PHE B 32 3.43 10.86 -30.71
CA PHE B 32 2.11 10.87 -30.04
C PHE B 32 2.01 12.15 -29.20
N ASN B 33 0.77 12.64 -29.05
CA ASN B 33 0.38 13.74 -28.13
C ASN B 33 -1.10 13.52 -27.79
N ASN B 34 -1.68 14.44 -27.02
CA ASN B 34 -3.14 14.41 -26.69
C ASN B 34 -3.96 14.36 -28.01
N TYR B 35 -3.55 15.13 -29.03
CA TYR B 35 -4.26 15.21 -30.33
C TYR B 35 -4.37 13.83 -30.99
N THR B 36 -3.52 12.86 -30.64
CA THR B 36 -3.62 11.47 -31.15
C THR B 36 -5.07 10.97 -31.02
N PHE B 37 -5.73 11.37 -29.93
CA PHE B 37 -7.12 10.94 -29.62
C PHE B 37 -8.06 12.07 -30.05
N ARG B 38 -8.64 11.96 -31.25
CA ARG B 38 -9.47 13.06 -31.80
C ARG B 38 -10.64 12.54 -32.64
N GLY B 39 -10.71 11.24 -32.94
CA GLY B 39 -11.82 10.65 -33.73
C GLY B 39 -13.14 10.70 -32.99
N LEU B 40 -14.17 11.36 -33.56
CA LEU B 40 -15.53 11.47 -32.94
C LEU B 40 -16.56 10.62 -33.71
N GLY B 41 -16.54 10.67 -35.05
CA GLY B 41 -17.67 10.19 -35.86
C GLY B 41 -17.27 9.71 -37.24
N ASN B 42 -18.12 8.84 -37.79
CA ASN B 42 -17.99 8.32 -39.17
C ASN B 42 -19.40 8.17 -39.75
N LYS B 43 -19.71 8.94 -40.80
CA LYS B 43 -20.98 8.82 -41.58
C LYS B 43 -22.18 8.90 -40.63
N GLY B 44 -22.20 9.93 -39.77
CA GLY B 44 -23.29 10.24 -38.82
C GLY B 44 -23.34 9.33 -37.60
N VAL B 45 -22.45 8.32 -37.52
CA VAL B 45 -22.44 7.35 -36.37
C VAL B 45 -21.06 7.41 -35.68
N LEU B 46 -20.94 6.69 -34.57
CA LEU B 46 -19.65 6.54 -33.83
C LEU B 46 -18.69 5.73 -34.69
N PRO B 47 -17.35 6.02 -34.62
CA PRO B 47 -16.37 5.29 -35.43
C PRO B 47 -16.26 3.81 -35.03
N TRP B 48 -16.78 3.45 -33.84
CA TRP B 48 -16.67 2.08 -33.27
C TRP B 48 -18.06 1.46 -33.08
N LYS B 49 -18.13 0.13 -32.98
CA LYS B 49 -19.36 -0.67 -32.82
C LYS B 49 -20.10 -0.21 -31.54
N CYS B 50 -19.67 -0.66 -30.36
CA CYS B 50 -20.20 -0.29 -29.01
C CYS B 50 -19.08 -0.47 -28.00
N ILE B 51 -18.73 0.58 -27.26
CA ILE B 51 -17.81 0.51 -26.09
C ILE B 51 -18.65 0.70 -24.83
N SER B 52 -19.10 -0.40 -24.25
CA SER B 52 -20.16 -0.37 -23.22
C SER B 52 -19.64 0.29 -21.94
N LEU B 53 -18.33 0.32 -21.67
CA LEU B 53 -17.87 0.97 -20.41
C LEU B 53 -17.92 2.50 -20.60
N ASP B 54 -17.65 3.02 -21.79
CA ASP B 54 -17.75 4.48 -22.00
C ASP B 54 -19.23 4.91 -21.95
N MET B 55 -20.14 4.10 -22.46
CA MET B 55 -21.62 4.35 -22.41
C MET B 55 -22.05 4.44 -20.95
N LYS B 56 -21.60 3.50 -20.13
CA LYS B 56 -21.90 3.49 -18.68
C LYS B 56 -21.28 4.72 -18.00
N TYR B 57 -20.07 5.13 -18.36
CA TYR B 57 -19.43 6.32 -17.72
C TYR B 57 -20.26 7.56 -18.08
N PHE B 58 -20.49 7.75 -19.36
CA PHE B 58 -21.37 8.81 -19.94
C PHE B 58 -22.69 8.90 -19.14
N ARG B 59 -23.54 7.88 -19.22
CA ARG B 59 -24.80 7.81 -18.45
C ARG B 59 -24.52 8.33 -17.04
N ALA B 60 -23.50 7.82 -16.34
CA ALA B 60 -23.26 8.12 -14.91
C ALA B 60 -22.82 9.59 -14.72
N VAL B 61 -21.94 10.13 -15.55
CA VAL B 61 -21.47 11.55 -15.43
C VAL B 61 -22.65 12.48 -15.73
N THR B 62 -23.33 12.30 -16.86
CA THR B 62 -24.31 13.31 -17.35
C THR B 62 -25.60 13.23 -16.53
N THR B 63 -25.90 12.12 -15.83
CA THR B 63 -27.13 11.98 -15.01
C THR B 63 -26.86 12.36 -13.54
N TYR B 64 -25.65 12.19 -13.01
CA TYR B 64 -25.36 12.44 -11.57
C TYR B 64 -25.64 13.90 -11.17
N VAL B 65 -26.28 14.02 -10.01
CA VAL B 65 -26.71 15.32 -9.44
C VAL B 65 -26.49 15.26 -7.93
N ASN B 66 -26.01 16.35 -7.35
CA ASN B 66 -25.92 16.49 -5.88
C ASN B 66 -26.86 17.61 -5.44
N GLU B 67 -28.01 17.25 -4.86
CA GLU B 67 -29.10 18.19 -4.45
C GLU B 67 -28.54 19.19 -3.43
N SER B 68 -27.80 18.69 -2.44
CA SER B 68 -27.30 19.47 -1.28
C SER B 68 -26.20 20.44 -1.69
N LYS B 69 -25.88 20.56 -2.98
CA LYS B 69 -24.84 21.51 -3.48
C LYS B 69 -25.46 22.50 -4.46
N TYR B 70 -26.77 22.35 -4.74
CA TYR B 70 -27.51 23.19 -5.72
C TYR B 70 -27.63 24.64 -5.19
N GLU B 71 -27.59 24.85 -3.88
CA GLU B 71 -27.87 26.19 -3.29
C GLU B 71 -26.78 27.14 -3.76
N LYS B 72 -25.52 26.72 -3.67
CA LYS B 72 -24.36 27.54 -4.10
C LYS B 72 -24.54 27.95 -5.56
N LEU B 73 -24.99 27.01 -6.41
CA LEU B 73 -25.12 27.16 -7.91
C LEU B 73 -26.27 28.15 -8.26
N LYS B 74 -27.50 27.84 -7.80
CA LYS B 74 -28.72 28.69 -7.97
C LYS B 74 -28.41 30.11 -7.45
N TYR B 75 -27.79 30.21 -6.27
CA TYR B 75 -27.39 31.48 -5.62
C TYR B 75 -26.51 32.29 -6.58
N LYS B 76 -25.36 31.72 -6.96
CA LYS B 76 -24.40 32.28 -7.93
C LYS B 76 -25.15 32.71 -9.22
N ARG B 77 -26.10 31.91 -9.70
CA ARG B 77 -26.74 32.13 -11.03
C ARG B 77 -27.63 33.39 -10.95
N CYS B 78 -28.47 33.46 -9.90
CA CYS B 78 -29.33 34.64 -9.57
C CYS B 78 -28.44 35.87 -9.28
N LYS B 79 -27.59 35.80 -8.24
CA LYS B 79 -26.65 36.87 -7.79
C LYS B 79 -26.00 37.54 -9.02
N TYR B 80 -25.43 36.74 -9.92
CA TYR B 80 -24.72 37.17 -11.15
C TYR B 80 -25.72 37.80 -12.15
N LEU B 81 -26.89 37.18 -12.31
CA LEU B 81 -28.00 37.60 -13.22
C LEU B 81 -28.89 38.68 -12.53
N ASN B 82 -28.57 39.01 -11.27
CA ASN B 82 -29.24 39.98 -10.37
C ASN B 82 -30.76 39.76 -10.41
N LYS B 83 -31.21 38.65 -9.80
CA LYS B 83 -32.63 38.27 -9.57
C LYS B 83 -32.83 38.07 -8.06
N ASN B 94 -40.26 23.55 -7.67
CA ASN B 94 -41.25 23.60 -8.78
C ASN B 94 -41.67 22.17 -9.14
N SER B 95 -40.69 21.32 -9.48
CA SER B 95 -40.81 19.83 -9.46
C SER B 95 -39.99 19.30 -8.27
N LYS B 96 -38.77 19.80 -8.08
CA LYS B 96 -37.83 19.55 -6.94
C LYS B 96 -36.73 18.58 -7.38
N LYS B 97 -37.07 17.59 -8.24
CA LYS B 97 -36.14 16.52 -8.72
C LYS B 97 -35.12 17.13 -9.68
N LEU B 98 -34.01 17.66 -9.14
CA LEU B 98 -32.93 18.38 -9.89
C LEU B 98 -32.32 17.45 -10.93
N GLN B 99 -31.99 17.98 -12.12
CA GLN B 99 -31.43 17.21 -13.25
C GLN B 99 -30.36 18.07 -13.93
N ASN B 100 -29.54 17.45 -14.77
CA ASN B 100 -28.55 18.18 -15.60
C ASN B 100 -29.19 18.51 -16.94
N VAL B 101 -28.67 19.53 -17.60
CA VAL B 101 -28.91 19.88 -19.03
C VAL B 101 -27.94 19.07 -19.88
N VAL B 102 -28.41 18.52 -21.00
CA VAL B 102 -27.53 17.92 -22.06
C VAL B 102 -27.82 18.57 -23.42
N VAL B 103 -26.80 19.17 -24.01
CA VAL B 103 -26.84 19.94 -25.30
C VAL B 103 -26.26 19.09 -26.43
N MET B 104 -27.00 18.98 -27.54
CA MET B 104 -26.63 18.17 -28.74
C MET B 104 -26.79 18.99 -30.03
N GLY B 105 -25.90 18.77 -31.00
CA GLY B 105 -26.09 19.20 -32.40
C GLY B 105 -27.26 18.46 -33.02
N ARG B 106 -27.79 18.97 -34.13
CA ARG B 106 -28.94 18.29 -34.79
C ARG B 106 -28.42 16.92 -35.28
N THR B 107 -27.31 16.92 -36.01
CA THR B 107 -26.67 15.66 -36.52
C THR B 107 -26.55 14.67 -35.36
N ASN B 108 -26.00 15.15 -34.22
CA ASN B 108 -25.84 14.36 -32.96
C ASN B 108 -27.22 13.81 -32.56
N TRP B 109 -28.20 14.69 -32.35
CA TRP B 109 -29.59 14.31 -31.95
C TRP B 109 -30.16 13.20 -32.86
N GLU B 110 -29.91 13.24 -34.16
CA GLU B 110 -30.55 12.31 -35.16
C GLU B 110 -29.79 10.97 -35.28
N SER B 111 -28.58 10.85 -34.73
CA SER B 111 -27.82 9.57 -34.65
C SER B 111 -28.48 8.66 -33.61
N ILE B 112 -29.07 9.26 -32.58
CA ILE B 112 -29.52 8.58 -31.34
C ILE B 112 -30.78 7.79 -31.65
N PRO B 113 -30.88 6.49 -31.27
CA PRO B 113 -32.13 5.75 -31.38
C PRO B 113 -33.29 6.35 -30.56
N LYS B 114 -34.49 6.33 -31.17
CA LYS B 114 -35.84 6.61 -30.60
C LYS B 114 -35.92 6.30 -29.10
N LYS B 115 -35.86 5.02 -28.71
CA LYS B 115 -36.16 4.56 -27.32
C LYS B 115 -35.08 5.08 -26.35
N PHE B 116 -34.00 5.67 -26.88
CA PHE B 116 -32.95 6.36 -26.10
C PHE B 116 -33.11 7.89 -26.21
N LYS B 117 -34.11 8.38 -26.95
CA LYS B 117 -34.54 9.82 -27.00
C LYS B 117 -35.93 9.99 -26.40
N PRO B 118 -36.17 11.01 -25.55
CA PRO B 118 -35.12 11.95 -25.14
C PRO B 118 -34.19 11.23 -24.15
N LEU B 119 -32.98 11.75 -23.91
CA LEU B 119 -32.05 11.21 -22.88
C LEU B 119 -32.75 11.27 -21.51
N SER B 120 -32.85 10.12 -20.82
CA SER B 120 -33.61 9.93 -19.56
C SER B 120 -32.95 10.69 -18.40
N ASN B 121 -33.76 11.18 -17.46
CA ASN B 121 -33.36 11.90 -16.21
C ASN B 121 -32.54 13.15 -16.57
N ARG B 122 -32.52 13.59 -17.83
CA ARG B 122 -31.78 14.80 -18.25
C ARG B 122 -32.64 15.74 -19.13
N ILE B 123 -32.43 17.04 -18.97
CA ILE B 123 -33.11 18.14 -19.72
C ILE B 123 -32.47 18.27 -21.11
N ASN B 124 -33.12 17.77 -22.15
CA ASN B 124 -32.57 17.63 -23.52
C ASN B 124 -32.71 18.94 -24.30
N VAL B 125 -31.59 19.61 -24.58
CA VAL B 125 -31.50 20.82 -25.44
C VAL B 125 -30.96 20.38 -26.81
N ILE B 126 -31.23 21.13 -27.88
CA ILE B 126 -30.79 20.81 -29.28
C ILE B 126 -30.51 22.11 -30.03
N LEU B 127 -29.24 22.50 -30.20
CA LEU B 127 -28.84 23.61 -31.11
C LEU B 127 -29.18 23.21 -32.56
N SER B 128 -30.00 24.03 -33.24
CA SER B 128 -30.54 23.78 -34.61
C SER B 128 -31.06 25.10 -35.20
N ARG B 129 -30.81 25.34 -36.48
CA ARG B 129 -31.41 26.47 -37.25
C ARG B 129 -32.76 26.06 -37.85
N THR B 130 -33.04 24.76 -37.96
CA THR B 130 -34.12 24.20 -38.81
C THR B 130 -35.02 23.25 -38.01
N LEU B 131 -35.23 23.51 -36.72
CA LEU B 131 -36.28 22.89 -35.88
C LEU B 131 -36.94 24.01 -35.06
N LYS B 132 -38.15 23.79 -34.54
CA LYS B 132 -38.84 24.69 -33.58
C LYS B 132 -39.67 23.84 -32.62
N LYS B 133 -39.88 24.33 -31.38
CA LYS B 133 -40.37 23.53 -30.21
C LYS B 133 -41.63 22.72 -30.56
N GLU B 134 -42.49 23.23 -31.45
CA GLU B 134 -43.87 22.69 -31.69
C GLU B 134 -43.83 21.39 -32.50
N ASP B 135 -42.64 20.91 -32.91
CA ASP B 135 -42.41 19.55 -33.44
C ASP B 135 -42.13 18.59 -32.27
N PHE B 136 -41.51 19.12 -31.19
CA PHE B 136 -41.12 18.39 -29.96
C PHE B 136 -42.05 18.80 -28.81
N ASP B 137 -41.53 19.25 -27.66
CA ASP B 137 -42.31 19.55 -26.42
C ASP B 137 -41.75 20.82 -25.75
N GLU B 138 -42.06 21.00 -24.46
CA GLU B 138 -41.36 21.92 -23.51
C GLU B 138 -40.34 21.14 -22.67
N ASP B 139 -40.57 19.84 -22.44
CA ASP B 139 -39.58 18.88 -21.91
C ASP B 139 -38.28 18.98 -22.71
N VAL B 140 -38.41 19.06 -24.04
CA VAL B 140 -37.32 18.94 -25.04
C VAL B 140 -37.11 20.31 -25.71
N TYR B 141 -36.29 21.15 -25.07
CA TYR B 141 -36.03 22.56 -25.47
C TYR B 141 -35.24 22.54 -26.77
N ILE B 142 -35.49 23.55 -27.61
CA ILE B 142 -34.68 23.84 -28.83
C ILE B 142 -34.13 25.25 -28.65
N ILE B 143 -32.96 25.53 -29.24
CA ILE B 143 -32.35 26.88 -29.23
C ILE B 143 -31.71 27.14 -30.59
N ASN B 144 -31.71 28.40 -30.99
CA ASN B 144 -31.52 28.87 -32.39
C ASN B 144 -30.05 29.23 -32.55
N LYS B 145 -29.46 29.82 -31.50
CA LYS B 145 -28.07 30.31 -31.44
C LYS B 145 -27.46 29.83 -30.13
N VAL B 146 -26.16 30.06 -29.94
CA VAL B 146 -25.42 29.71 -28.69
C VAL B 146 -26.05 30.52 -27.53
N GLU B 147 -26.14 31.84 -27.68
CA GLU B 147 -26.57 32.78 -26.61
C GLU B 147 -27.93 32.36 -26.05
N ASP B 148 -28.76 31.68 -26.86
CA ASP B 148 -30.12 31.20 -26.46
C ASP B 148 -29.99 30.04 -25.47
N LEU B 149 -28.79 29.44 -25.31
CA LEU B 149 -28.53 28.45 -24.23
C LEU B 149 -28.41 29.17 -22.88
N ILE B 150 -27.55 30.19 -22.76
CA ILE B 150 -27.28 30.92 -21.48
C ILE B 150 -28.60 31.52 -20.97
N VAL B 151 -29.42 31.96 -21.93
CA VAL B 151 -30.82 32.46 -21.71
C VAL B 151 -31.62 31.32 -21.07
N LEU B 152 -31.69 30.16 -21.74
CA LEU B 152 -32.52 29.00 -21.30
C LEU B 152 -32.02 28.52 -19.93
N LEU B 153 -30.71 28.60 -19.69
CA LEU B 153 -30.06 28.11 -18.44
C LEU B 153 -30.46 29.07 -17.31
N GLY B 154 -30.42 30.37 -17.60
CA GLY B 154 -30.86 31.46 -16.72
C GLY B 154 -32.25 31.19 -16.15
N LYS B 155 -33.16 30.62 -16.95
CA LYS B 155 -34.58 30.42 -16.59
C LYS B 155 -34.83 28.99 -16.09
N LEU B 156 -33.79 28.18 -15.82
CA LEU B 156 -33.97 26.73 -15.51
C LEU B 156 -33.32 26.38 -14.17
N ASN B 157 -33.96 25.45 -13.45
CA ASN B 157 -33.37 24.65 -12.35
C ASN B 157 -32.58 23.49 -12.97
N TYR B 158 -31.26 23.47 -12.84
CA TYR B 158 -30.40 22.37 -13.35
C TYR B 158 -29.14 22.30 -12.48
N TYR B 159 -28.52 21.12 -12.39
CA TYR B 159 -27.25 20.88 -11.66
C TYR B 159 -26.08 21.38 -12.52
N LYS B 160 -25.75 20.67 -13.61
CA LYS B 160 -24.66 21.05 -14.52
C LYS B 160 -25.15 20.95 -15.97
N CYS B 161 -24.44 21.58 -16.89
CA CYS B 161 -24.77 21.55 -18.34
C CYS B 161 -23.63 20.84 -19.09
N PHE B 162 -23.96 19.75 -19.79
CA PHE B 162 -23.02 18.86 -20.51
C PHE B 162 -23.28 18.99 -22.00
N ILE B 163 -22.30 19.54 -22.71
CA ILE B 163 -22.19 19.60 -24.19
C ILE B 163 -21.74 18.21 -24.70
N LEU B 164 -22.67 17.45 -25.30
CA LEU B 164 -22.50 16.05 -25.78
C LEU B 164 -22.00 16.04 -27.21
N GLY B 165 -21.86 17.25 -27.77
CA GLY B 165 -21.15 17.56 -29.01
C GLY B 165 -21.97 17.28 -30.25
N GLY B 166 -21.30 16.61 -31.16
CA GLY B 166 -21.12 17.01 -32.55
C GLY B 166 -19.87 17.85 -32.66
N SER B 167 -19.01 17.51 -33.61
CA SER B 167 -17.75 18.23 -33.92
C SER B 167 -18.03 19.74 -33.97
N VAL B 168 -19.11 20.12 -34.66
CA VAL B 168 -19.52 21.55 -34.85
C VAL B 168 -19.76 22.19 -33.48
N VAL B 169 -20.69 21.59 -32.73
CA VAL B 169 -21.10 22.05 -31.36
C VAL B 169 -19.84 22.28 -30.51
N TYR B 170 -18.97 21.26 -30.36
CA TYR B 170 -17.72 21.37 -29.54
C TYR B 170 -16.86 22.53 -30.04
N GLN B 171 -16.63 22.58 -31.37
CA GLN B 171 -15.72 23.56 -32.01
C GLN B 171 -16.12 24.97 -31.53
N GLU B 172 -17.38 25.34 -31.76
CA GLU B 172 -17.92 26.69 -31.48
C GLU B 172 -17.99 26.94 -29.97
N PHE B 173 -18.33 25.92 -29.16
CA PHE B 173 -18.38 26.08 -27.68
C PHE B 173 -16.98 26.37 -27.12
N LEU B 174 -15.94 25.71 -27.65
CA LEU B 174 -14.54 25.86 -27.14
C LEU B 174 -13.97 27.21 -27.58
N GLU B 175 -14.18 27.58 -28.85
CA GLU B 175 -13.64 28.84 -29.43
C GLU B 175 -14.27 30.02 -28.69
N LYS B 176 -15.51 29.88 -28.20
CA LYS B 176 -16.27 30.92 -27.44
C LYS B 176 -16.06 30.74 -25.93
N LYS B 177 -15.07 29.96 -25.51
CA LYS B 177 -14.57 29.89 -24.10
C LYS B 177 -15.70 29.57 -23.10
N LEU B 178 -16.73 28.81 -23.53
CA LEU B 178 -17.94 28.47 -22.72
C LEU B 178 -17.80 27.15 -21.94
N ILE B 179 -16.67 26.44 -22.07
CA ILE B 179 -16.44 25.11 -21.41
C ILE B 179 -15.49 25.30 -20.23
N LYS B 180 -15.94 24.85 -19.05
CA LYS B 180 -15.17 24.91 -17.79
C LYS B 180 -14.26 23.67 -17.67
N LYS B 181 -14.76 22.49 -18.06
CA LYS B 181 -14.00 21.20 -18.00
C LYS B 181 -14.40 20.32 -19.19
N ILE B 182 -13.48 19.44 -19.59
CA ILE B 182 -13.71 18.38 -20.63
C ILE B 182 -13.51 17.02 -19.98
N TYR B 183 -14.57 16.21 -19.95
CA TYR B 183 -14.58 14.77 -19.57
C TYR B 183 -14.28 14.05 -20.88
N PHE B 184 -13.05 13.54 -21.00
CA PHE B 184 -12.48 13.08 -22.27
C PHE B 184 -12.15 11.60 -22.15
N THR B 185 -12.90 10.73 -22.82
CA THR B 185 -12.57 9.28 -22.86
C THR B 185 -11.53 9.09 -23.96
N ARG B 186 -10.38 8.51 -23.62
CA ARG B 186 -9.36 8.10 -24.64
C ARG B 186 -9.63 6.65 -25.01
N ILE B 187 -10.15 6.44 -26.22
CA ILE B 187 -10.41 5.10 -26.81
C ILE B 187 -9.14 4.68 -27.54
N ASN B 188 -8.43 3.68 -27.01
CA ASN B 188 -7.06 3.37 -27.51
C ASN B 188 -7.15 2.33 -28.63
N SER B 189 -7.77 2.74 -29.74
CA SER B 189 -7.84 1.95 -31.00
C SER B 189 -8.13 2.91 -32.16
N THR B 190 -7.78 2.49 -33.37
CA THR B 190 -7.86 3.32 -34.59
C THR B 190 -9.15 2.95 -35.32
N TYR B 191 -9.94 3.95 -35.73
CA TYR B 191 -11.09 3.69 -36.63
C TYR B 191 -11.08 4.74 -37.72
N GLU B 192 -11.72 4.37 -38.84
CA GLU B 192 -12.11 5.30 -39.91
C GLU B 192 -13.05 6.33 -39.27
N CYS B 193 -12.69 7.63 -39.36
CA CYS B 193 -13.42 8.82 -38.84
C CYS B 193 -13.50 9.93 -39.90
N ASP B 194 -14.65 10.60 -40.00
CA ASP B 194 -14.85 11.77 -40.92
C ASP B 194 -14.96 13.09 -40.11
N VAL B 195 -15.25 13.02 -38.80
CA VAL B 195 -15.29 14.21 -37.91
C VAL B 195 -14.43 13.98 -36.66
N PHE B 196 -13.81 15.05 -36.20
CA PHE B 196 -12.72 15.09 -35.20
C PHE B 196 -13.10 16.10 -34.11
N PHE B 197 -12.60 15.91 -32.90
CA PHE B 197 -12.66 16.88 -31.79
C PHE B 197 -11.60 17.93 -32.07
N PRO B 198 -11.79 19.21 -31.64
CA PRO B 198 -10.82 20.25 -31.96
C PRO B 198 -9.55 20.04 -31.13
N GLU B 199 -8.45 20.60 -31.60
CA GLU B 199 -7.15 20.50 -30.91
C GLU B 199 -7.24 21.34 -29.64
N ILE B 200 -7.20 20.71 -28.47
CA ILE B 200 -7.24 21.42 -27.16
C ILE B 200 -5.91 22.15 -26.97
N ASN B 201 -5.96 23.48 -26.97
CA ASN B 201 -4.80 24.35 -26.65
C ASN B 201 -4.40 24.04 -25.20
N GLU B 202 -3.16 23.61 -24.99
CA GLU B 202 -2.62 23.23 -23.66
C GLU B 202 -2.35 24.48 -22.81
N ASN B 203 -2.39 25.68 -23.41
CA ASN B 203 -2.32 26.96 -22.67
C ASN B 203 -3.73 27.33 -22.17
N GLU B 204 -4.79 26.89 -22.86
CA GLU B 204 -6.22 27.13 -22.51
C GLU B 204 -6.73 26.10 -21.48
N TYR B 205 -6.37 24.81 -21.62
CA TYR B 205 -6.87 23.68 -20.78
C TYR B 205 -5.67 22.84 -20.33
N GLN B 206 -5.73 22.29 -19.12
CA GLN B 206 -4.76 21.24 -18.72
C GLN B 206 -5.48 20.07 -18.03
N ILE B 207 -4.89 18.89 -18.19
CA ILE B 207 -5.37 17.64 -17.54
C ILE B 207 -5.14 17.81 -16.04
N ILE B 208 -6.13 17.54 -15.20
CA ILE B 208 -5.96 17.59 -13.72
C ILE B 208 -6.20 16.20 -13.12
N SER B 209 -6.83 15.28 -13.86
CA SER B 209 -7.10 13.90 -13.38
C SER B 209 -7.05 12.88 -14.51
N VAL B 210 -6.61 11.68 -14.15
CA VAL B 210 -6.46 10.50 -15.06
C VAL B 210 -6.96 9.26 -14.33
N SER B 211 -7.79 8.46 -14.98
CA SER B 211 -8.42 7.28 -14.36
C SER B 211 -7.48 6.07 -14.45
N ASP B 212 -7.94 4.99 -13.87
CA ASP B 212 -7.49 3.62 -14.16
C ASP B 212 -7.65 3.32 -15.65
N VAL B 213 -6.89 2.33 -16.13
CA VAL B 213 -7.01 1.82 -17.51
C VAL B 213 -7.92 0.59 -17.47
N TYR B 214 -8.80 0.51 -18.46
CA TYR B 214 -9.83 -0.53 -18.56
C TYR B 214 -9.74 -1.15 -19.94
N THR B 215 -10.24 -2.36 -20.06
CA THR B 215 -10.58 -3.03 -21.33
C THR B 215 -12.11 -3.13 -21.44
N SER B 216 -12.63 -2.75 -22.60
CA SER B 216 -14.07 -2.87 -22.97
C SER B 216 -14.14 -3.11 -24.47
N ASN B 217 -14.80 -4.19 -24.87
CA ASN B 217 -15.15 -4.43 -26.29
C ASN B 217 -13.87 -4.44 -27.12
N ASN B 218 -12.83 -5.11 -26.60
CA ASN B 218 -11.57 -5.42 -27.34
C ASN B 218 -10.73 -4.17 -27.58
N THR B 219 -10.85 -3.15 -26.75
CA THR B 219 -9.93 -1.97 -26.72
C THR B 219 -9.67 -1.62 -25.25
N THR B 220 -8.50 -1.05 -24.98
CA THR B 220 -8.21 -0.35 -23.71
C THR B 220 -8.75 1.07 -23.89
N LEU B 221 -9.06 1.71 -22.78
CA LEU B 221 -9.48 3.13 -22.75
C LEU B 221 -9.18 3.63 -21.36
N ASP B 222 -9.06 4.95 -21.22
CA ASP B 222 -9.08 5.59 -19.89
C ASP B 222 -9.92 6.87 -20.03
N PHE B 223 -10.10 7.53 -18.90
CA PHE B 223 -10.97 8.70 -18.69
C PHE B 223 -10.07 9.78 -18.14
N ILE B 224 -9.96 10.92 -18.82
CA ILE B 224 -9.20 12.06 -18.25
C ILE B 224 -10.10 13.30 -18.14
N ILE B 225 -9.67 14.24 -17.31
CA ILE B 225 -10.43 15.49 -17.03
C ILE B 225 -9.51 16.67 -17.33
N TYR B 226 -9.88 17.51 -18.30
CA TYR B 226 -9.23 18.81 -18.58
C TYR B 226 -9.94 19.90 -17.76
N LYS B 227 -9.17 20.84 -17.22
CA LYS B 227 -9.67 22.04 -16.50
C LYS B 227 -9.16 23.30 -17.23
N LYS B 228 -10.07 24.24 -17.51
CA LYS B 228 -9.80 25.66 -17.89
C LYS B 228 -8.68 26.19 -16.97
N THR B 229 -7.62 26.77 -17.53
CA THR B 229 -6.38 27.17 -16.80
C THR B 229 -6.49 28.65 -16.35
N ASP B 283 -19.58 16.33 11.74
CA ASP B 283 -18.39 15.52 12.14
C ASP B 283 -17.14 16.11 11.48
N ASP B 284 -16.60 17.17 12.10
CA ASP B 284 -15.20 17.66 11.92
C ASP B 284 -14.51 17.71 13.30
N GLU B 285 -15.19 17.18 14.33
CA GLU B 285 -14.55 16.66 15.57
C GLU B 285 -13.35 15.82 15.14
N GLU B 286 -13.60 14.88 14.24
CA GLU B 286 -12.61 13.86 13.79
C GLU B 286 -11.58 14.54 12.87
N GLU B 287 -11.84 15.72 12.29
CA GLU B 287 -10.80 16.47 11.53
C GLU B 287 -9.68 16.96 12.46
N ASP B 288 -9.97 17.54 13.65
CA ASP B 288 -8.85 17.94 14.56
C ASP B 288 -8.10 16.69 15.06
N ASP B 289 -8.79 15.59 15.35
CA ASP B 289 -8.13 14.35 15.82
C ASP B 289 -7.07 13.91 14.79
N PHE B 290 -7.34 14.04 13.49
CA PHE B 290 -6.34 13.72 12.45
C PHE B 290 -5.07 14.56 12.66
N VAL B 291 -5.21 15.85 12.98
CA VAL B 291 -4.05 16.75 13.21
C VAL B 291 -3.27 16.29 14.45
N TYR B 292 -3.96 15.84 15.50
CA TYR B 292 -3.32 15.42 16.76
C TYR B 292 -2.49 14.15 16.51
N PHE B 293 -3.03 13.18 15.76
CA PHE B 293 -2.32 11.90 15.46
C PHE B 293 -1.09 12.20 14.56
N ASN B 294 -1.09 13.32 13.83
CA ASN B 294 0.06 13.78 13.00
C ASN B 294 1.07 14.64 13.77
N PHE B 295 0.97 14.78 15.09
CA PHE B 295 1.86 15.69 15.88
C PHE B 295 3.35 15.36 15.75
N ASN B 296 3.73 14.15 15.39
CA ASN B 296 5.17 13.81 15.39
C ASN B 296 5.75 13.78 13.97
N LYS B 297 4.99 14.15 12.94
CA LYS B 297 5.42 13.93 11.53
C LYS B 297 6.57 14.88 11.16
N GLU B 298 7.37 14.47 10.16
CA GLU B 298 8.58 15.17 9.65
C GLU B 298 8.19 16.59 9.21
N ASN B 303 14.14 20.02 2.57
CA ASN B 303 14.74 19.61 1.27
C ASN B 303 15.55 18.32 1.50
N LYS B 304 14.97 17.37 2.24
CA LYS B 304 15.59 16.09 2.69
C LYS B 304 16.71 15.72 1.71
N ASN B 305 16.33 15.44 0.46
CA ASN B 305 17.26 15.33 -0.71
C ASN B 305 17.04 16.57 -1.58
N SER B 306 18.11 17.05 -2.23
CA SER B 306 18.24 18.38 -2.91
C SER B 306 17.36 18.45 -4.16
N ILE B 307 16.07 18.14 -4.00
CA ILE B 307 15.02 18.05 -5.06
C ILE B 307 13.99 19.15 -4.72
N HIS B 308 13.71 20.06 -5.66
CA HIS B 308 12.84 21.25 -5.43
C HIS B 308 11.37 20.88 -5.64
N PRO B 309 10.40 21.77 -5.29
CA PRO B 309 8.98 21.49 -5.52
C PRO B 309 8.60 21.62 -7.00
N ASN B 310 8.89 22.80 -7.57
CA ASN B 310 8.62 23.23 -8.97
C ASN B 310 9.25 22.24 -9.96
N ASP B 311 10.20 21.44 -9.49
CA ASP B 311 10.75 20.25 -10.23
C ASP B 311 9.58 19.35 -10.67
N PHE B 312 8.55 19.11 -9.83
CA PHE B 312 7.43 18.20 -10.13
C PHE B 312 6.10 18.96 -10.23
N GLN B 313 6.10 20.02 -11.04
CA GLN B 313 4.97 20.95 -11.23
C GLN B 313 3.77 20.16 -11.73
N ILE B 314 3.89 19.55 -12.89
CA ILE B 314 2.74 18.85 -13.54
C ILE B 314 2.34 17.65 -12.67
N TYR B 315 3.31 16.93 -12.12
CA TYR B 315 3.09 15.71 -11.31
C TYR B 315 2.25 16.08 -10.10
N ASN B 316 2.59 17.19 -9.44
CA ASN B 316 1.93 17.58 -8.16
C ASN B 316 0.65 18.38 -8.45
N SER B 317 0.42 18.77 -9.70
CA SER B 317 -0.78 19.55 -10.11
C SER B 317 -1.96 18.62 -10.39
N LEU B 318 -1.75 17.30 -10.49
CA LEU B 318 -2.87 16.38 -10.82
C LEU B 318 -3.58 16.09 -9.51
N LYS B 319 -4.91 15.99 -9.52
CA LYS B 319 -5.68 15.68 -8.30
C LYS B 319 -5.80 14.15 -8.17
N TYR B 320 -6.36 13.51 -9.19
CA TYR B 320 -6.58 12.04 -9.22
C TYR B 320 -5.60 11.43 -10.24
N LYS B 321 -4.72 10.57 -9.74
CA LYS B 321 -3.65 9.88 -10.51
C LYS B 321 -3.90 8.39 -10.35
N TYR B 322 -4.95 7.89 -10.96
CA TYR B 322 -5.39 6.48 -10.77
C TYR B 322 -4.80 5.59 -11.86
N HIS B 323 -4.23 6.16 -12.91
CA HIS B 323 -3.61 5.38 -14.00
C HIS B 323 -2.55 4.47 -13.37
N PRO B 324 -2.50 3.16 -13.67
CA PRO B 324 -1.59 2.24 -12.98
C PRO B 324 -0.11 2.53 -13.22
N GLU B 325 0.24 3.31 -14.24
CA GLU B 325 1.64 3.74 -14.43
C GLU B 325 2.08 4.54 -13.22
N TYR B 326 1.14 5.16 -12.48
CA TYR B 326 1.51 5.93 -11.27
C TYR B 326 2.06 5.01 -10.18
N GLN B 327 1.80 3.72 -10.20
CA GLN B 327 2.43 2.85 -9.17
C GLN B 327 3.96 2.86 -9.35
N TYR B 328 4.43 2.93 -10.59
CA TYR B 328 5.87 3.09 -10.88
C TYR B 328 6.33 4.52 -10.53
N LEU B 329 5.66 5.53 -11.07
CA LEU B 329 6.05 6.96 -10.95
C LEU B 329 6.03 7.38 -9.50
N ASN B 330 5.05 6.91 -8.70
CA ASN B 330 4.95 7.29 -7.28
C ASN B 330 6.14 6.72 -6.51
N ILE B 331 6.64 5.55 -6.88
CA ILE B 331 7.84 4.98 -6.20
C ILE B 331 9.07 5.84 -6.54
N ILE B 332 9.26 6.21 -7.80
CA ILE B 332 10.37 7.13 -8.18
C ILE B 332 10.25 8.41 -7.33
N TYR B 333 9.05 8.98 -7.22
CA TYR B 333 8.86 10.24 -6.43
C TYR B 333 9.22 9.98 -4.98
N ASP B 334 8.76 8.85 -4.42
CA ASP B 334 9.05 8.50 -3.01
C ASP B 334 10.56 8.39 -2.78
N ILE B 335 11.27 7.73 -3.66
CA ILE B 335 12.74 7.56 -3.51
C ILE B 335 13.42 8.95 -3.69
N MET B 336 13.02 9.72 -4.68
CA MET B 336 13.62 11.07 -4.87
C MET B 336 13.38 11.95 -3.63
N MET B 337 12.18 11.90 -3.04
CA MET B 337 11.85 12.79 -1.90
C MET B 337 12.43 12.24 -0.59
N ASN B 338 12.41 10.92 -0.38
CA ASN B 338 12.57 10.28 0.96
C ASN B 338 13.72 9.26 0.97
N GLY B 339 14.38 9.01 -0.16
CA GLY B 339 15.35 7.92 -0.30
C GLY B 339 16.63 8.20 0.46
N ASN B 340 17.40 7.15 0.75
CA ASN B 340 18.66 7.21 1.51
C ASN B 340 19.79 7.37 0.50
N LYS B 341 20.68 8.33 0.73
CA LYS B 341 21.90 8.52 -0.09
C LYS B 341 22.88 7.39 0.26
N GLN B 342 23.31 6.63 -0.74
CA GLN B 342 24.19 5.46 -0.51
C GLN B 342 25.16 5.36 -1.68
N SER B 343 26.35 4.85 -1.41
CA SER B 343 27.33 4.41 -2.43
C SER B 343 26.88 3.04 -2.92
N ASP B 344 27.53 2.52 -3.95
CA ASP B 344 27.25 1.11 -4.34
C ASP B 344 28.42 0.57 -5.14
N ARG B 345 28.34 -0.77 -5.35
CA ARG B 345 29.19 -1.64 -6.20
C ARG B 345 29.63 -0.86 -7.43
N THR B 346 28.69 -0.19 -8.12
CA THR B 346 28.88 0.53 -9.42
C THR B 346 29.68 1.85 -9.24
N GLY B 347 29.84 2.39 -8.02
CA GLY B 347 30.59 3.64 -7.73
C GLY B 347 29.86 4.97 -7.97
N VAL B 348 28.57 4.98 -8.39
CA VAL B 348 27.83 6.18 -8.91
C VAL B 348 27.03 6.88 -7.79
N GLY B 349 26.62 6.17 -6.75
CA GLY B 349 25.68 6.73 -5.75
C GLY B 349 24.21 6.54 -6.17
N VAL B 350 23.36 6.23 -5.20
CA VAL B 350 21.91 6.04 -5.46
C VAL B 350 21.18 6.81 -4.39
N LEU B 351 19.90 7.01 -4.61
CA LEU B 351 18.92 7.14 -3.53
C LEU B 351 18.25 5.76 -3.42
N SER B 352 18.11 5.22 -2.23
CA SER B 352 17.52 3.86 -2.06
C SER B 352 16.46 3.88 -0.96
N LYS B 353 15.51 2.99 -1.11
CA LYS B 353 14.56 2.57 -0.07
C LYS B 353 14.36 1.07 -0.21
N PHE B 354 13.69 0.46 0.76
CA PHE B 354 13.59 -0.99 0.91
C PHE B 354 12.12 -1.35 1.06
N GLY B 355 11.59 -2.10 0.12
CA GLY B 355 10.28 -2.79 0.20
C GLY B 355 9.16 -2.00 -0.42
N TYR B 356 8.75 -2.35 -1.63
CA TYR B 356 7.58 -1.77 -2.32
C TYR B 356 6.83 -2.92 -3.00
N ILE B 357 5.57 -2.70 -3.34
CA ILE B 357 4.73 -3.65 -4.13
C ILE B 357 4.04 -2.84 -5.19
N MET B 358 4.07 -3.33 -6.43
CA MET B 358 3.19 -2.80 -7.49
C MET B 358 2.30 -3.96 -7.93
N LYS B 359 1.10 -3.64 -8.43
CA LYS B 359 0.18 -4.68 -8.94
C LYS B 359 -0.43 -4.15 -10.21
N PHE B 360 -0.42 -4.97 -11.22
CA PHE B 360 -0.86 -4.66 -12.58
C PHE B 360 -1.91 -5.68 -12.93
N ASP B 361 -3.03 -5.20 -13.46
CA ASP B 361 -4.20 -6.02 -13.82
C ASP B 361 -4.05 -6.38 -15.28
N LEU B 362 -3.47 -7.56 -15.55
CA LEU B 362 -3.20 -7.98 -16.92
C LEU B 362 -4.53 -8.33 -17.64
N SER B 363 -5.65 -8.55 -16.95
CA SER B 363 -6.98 -8.71 -17.62
C SER B 363 -7.35 -7.39 -18.33
N GLN B 364 -6.82 -6.24 -17.89
CA GLN B 364 -7.33 -4.92 -18.35
C GLN B 364 -6.32 -4.22 -19.27
N TYR B 365 -5.05 -4.57 -19.22
CA TYR B 365 -4.03 -3.88 -20.02
C TYR B 365 -2.70 -4.65 -19.92
N PHE B 366 -1.79 -4.28 -20.79
CA PHE B 366 -0.37 -4.68 -20.73
C PHE B 366 0.42 -3.50 -20.23
N PRO B 367 1.10 -3.58 -19.07
CA PRO B 367 1.67 -2.39 -18.46
C PRO B 367 3.05 -2.04 -18.99
N LEU B 368 3.09 -1.67 -20.26
CA LEU B 368 4.32 -1.13 -20.88
C LEU B 368 4.33 0.37 -20.67
N LEU B 369 5.30 0.89 -19.94
CA LEU B 369 5.36 2.34 -19.58
C LEU B 369 5.11 3.18 -20.83
N THR B 370 4.32 4.25 -20.67
CA THR B 370 3.90 5.16 -21.76
C THR B 370 4.59 6.50 -21.53
N THR B 371 5.21 6.74 -20.39
CA THR B 371 5.86 8.05 -20.14
C THR B 371 7.28 8.12 -20.73
N LYS B 372 7.72 7.04 -21.34
CA LYS B 372 8.88 7.03 -22.28
C LYS B 372 8.69 5.87 -23.25
N LYS B 373 9.58 5.73 -24.24
CA LYS B 373 9.44 4.66 -25.25
C LYS B 373 10.23 3.45 -24.75
N LEU B 374 9.65 2.28 -24.79
CA LEU B 374 10.32 1.01 -24.44
C LEU B 374 10.24 0.09 -25.65
N PHE B 375 11.33 -0.66 -25.92
CA PHE B 375 11.39 -1.73 -26.92
C PHE B 375 11.39 -3.09 -26.25
N LEU B 376 10.73 -4.09 -26.83
CA LEU B 376 10.54 -5.43 -26.23
C LEU B 376 11.24 -6.58 -26.99
N ARG B 377 11.80 -6.41 -28.19
CA ARG B 377 12.31 -7.59 -28.93
C ARG B 377 13.39 -8.28 -28.07
N GLY B 378 14.33 -7.49 -27.55
CA GLY B 378 15.43 -7.98 -26.70
C GLY B 378 14.89 -8.71 -25.49
N ILE B 379 13.96 -8.10 -24.74
CA ILE B 379 13.52 -8.79 -23.52
C ILE B 379 12.68 -10.03 -23.88
N ILE B 380 12.01 -10.11 -25.03
CA ILE B 380 11.29 -11.36 -25.37
C ILE B 380 12.34 -12.43 -25.74
N GLU B 381 13.34 -12.09 -26.55
CA GLU B 381 14.43 -13.05 -26.91
C GLU B 381 15.08 -13.59 -25.61
N GLU B 382 15.32 -12.72 -24.65
CA GLU B 382 15.95 -13.10 -23.34
C GLU B 382 15.07 -14.15 -22.65
N LEU B 383 13.77 -13.95 -22.63
CA LEU B 383 12.86 -14.88 -21.95
C LEU B 383 12.83 -16.19 -22.73
N LEU B 384 12.86 -16.13 -24.05
CA LEU B 384 12.83 -17.39 -24.82
C LEU B 384 14.13 -18.18 -24.52
N TRP B 385 15.24 -17.45 -24.40
CA TRP B 385 16.60 -17.99 -24.12
C TRP B 385 16.60 -18.61 -22.71
N PHE B 386 15.96 -17.97 -21.72
CA PHE B 386 15.77 -18.58 -20.37
C PHE B 386 15.01 -19.91 -20.53
N ILE B 387 13.90 -19.87 -21.27
CA ILE B 387 12.99 -21.05 -21.34
C ILE B 387 13.77 -22.20 -22.00
N ARG B 388 14.65 -21.94 -22.95
CA ARG B 388 15.43 -23.04 -23.58
C ARG B 388 16.47 -23.56 -22.56
N GLY B 389 16.65 -22.84 -21.45
CA GLY B 389 17.65 -23.16 -20.43
C GLY B 389 19.08 -22.81 -20.85
N GLU B 390 19.25 -21.89 -21.78
CA GLU B 390 20.58 -21.50 -22.29
C GLU B 390 21.36 -20.65 -21.29
N THR B 391 22.69 -20.74 -21.38
CA THR B 391 23.64 -19.90 -20.61
C THR B 391 24.67 -19.24 -21.55
N ASN B 392 24.50 -19.44 -22.82
CA ASN B 392 25.45 -19.03 -23.88
C ASN B 392 25.10 -17.62 -24.32
N GLY B 393 25.83 -16.63 -23.80
CA GLY B 393 25.66 -15.22 -24.14
C GLY B 393 25.72 -14.97 -25.65
N ASN B 394 26.47 -15.77 -26.40
CA ASN B 394 26.67 -15.53 -27.85
C ASN B 394 25.34 -15.68 -28.59
N THR B 395 24.47 -16.57 -28.16
CA THR B 395 23.15 -16.77 -28.79
C THR B 395 22.41 -15.43 -28.87
N LEU B 396 22.47 -14.62 -27.80
CA LEU B 396 21.80 -13.30 -27.73
C LEU B 396 22.57 -12.29 -28.57
N LEU B 397 23.89 -12.27 -28.43
CA LEU B 397 24.74 -11.29 -29.15
C LEU B 397 24.55 -11.50 -30.66
N ASN B 398 24.34 -12.72 -31.12
CA ASN B 398 24.22 -13.03 -32.58
C ASN B 398 22.90 -12.48 -33.12
N LYS B 399 21.97 -12.12 -32.22
CA LYS B 399 20.68 -11.51 -32.52
C LYS B 399 20.71 -10.05 -32.14
N ASN B 400 21.88 -9.47 -31.83
CA ASN B 400 22.04 -8.07 -31.39
C ASN B 400 21.14 -7.80 -30.18
N VAL B 401 21.02 -8.78 -29.29
CA VAL B 401 20.46 -8.54 -27.93
C VAL B 401 21.62 -8.48 -26.96
N ARG B 402 21.90 -7.31 -26.42
CA ARG B 402 23.18 -6.96 -25.73
C ARG B 402 22.97 -6.80 -24.22
N ILE B 403 21.83 -7.24 -23.69
CA ILE B 403 21.43 -7.13 -22.26
C ILE B 403 22.54 -7.73 -21.38
N TRP B 404 23.08 -8.88 -21.77
CA TRP B 404 24.09 -9.60 -20.97
C TRP B 404 25.51 -9.39 -21.49
N GLU B 405 25.73 -8.58 -22.50
CA GLU B 405 27.06 -8.41 -23.11
C GLU B 405 28.10 -8.00 -22.05
N ALA B 406 27.88 -6.92 -21.31
CA ALA B 406 28.82 -6.38 -20.31
C ALA B 406 29.10 -7.45 -19.20
N ASN B 407 28.17 -8.35 -18.92
CA ASN B 407 28.37 -9.35 -17.83
C ASN B 407 29.18 -10.56 -18.36
N GLY B 408 29.48 -10.62 -19.64
CA GLY B 408 30.15 -11.79 -20.26
C GLY B 408 31.55 -11.46 -20.72
N THR B 409 32.04 -10.23 -20.50
CA THR B 409 33.39 -9.85 -21.04
C THR B 409 34.49 -10.56 -20.23
N ARG B 410 35.66 -10.76 -20.85
CA ARG B 410 36.87 -11.26 -20.13
C ARG B 410 37.04 -10.46 -18.84
N GLU B 411 36.93 -9.13 -18.89
CA GLU B 411 37.26 -8.23 -17.76
C GLU B 411 36.22 -8.45 -16.66
N PHE B 412 34.96 -8.56 -17.03
CA PHE B 412 33.88 -8.74 -16.03
C PHE B 412 34.03 -10.13 -15.37
N LEU B 413 34.26 -11.18 -16.14
CA LEU B 413 34.39 -12.53 -15.54
C LEU B 413 35.63 -12.61 -14.63
N ASP B 414 36.76 -12.03 -15.07
CA ASP B 414 38.02 -12.00 -14.27
C ASP B 414 37.78 -11.25 -12.95
N ASN B 415 37.03 -10.15 -12.96
CA ASN B 415 36.69 -9.44 -11.71
C ASN B 415 35.79 -10.30 -10.82
N ARG B 416 34.94 -11.17 -11.39
CA ARG B 416 34.15 -12.15 -10.60
C ARG B 416 35.02 -13.34 -10.18
N LYS B 417 36.33 -13.37 -10.47
CA LYS B 417 37.25 -14.51 -10.19
C LYS B 417 36.85 -15.74 -11.01
N LEU B 418 36.23 -15.54 -12.17
CA LEU B 418 35.89 -16.64 -13.09
C LEU B 418 36.97 -16.68 -14.18
N PHE B 419 38.22 -16.91 -13.76
CA PHE B 419 39.42 -16.93 -14.64
C PHE B 419 39.30 -18.06 -15.66
N HIS B 420 38.61 -19.16 -15.30
CA HIS B 420 38.54 -20.39 -16.12
C HIS B 420 37.19 -20.45 -16.86
N ARG B 421 36.54 -19.30 -16.99
CA ARG B 421 35.28 -19.18 -17.76
C ARG B 421 35.56 -18.54 -19.12
N GLU B 422 35.03 -19.14 -20.16
CA GLU B 422 35.00 -18.60 -21.54
C GLU B 422 34.16 -17.31 -21.61
N VAL B 423 34.61 -16.38 -22.44
CA VAL B 423 33.89 -15.11 -22.71
C VAL B 423 32.45 -15.46 -23.09
N ASN B 424 31.49 -14.75 -22.51
CA ASN B 424 30.03 -14.95 -22.74
C ASN B 424 29.50 -16.29 -22.21
N ASP B 425 30.28 -17.03 -21.45
CA ASP B 425 29.80 -18.22 -20.70
C ASP B 425 29.34 -17.70 -19.34
N LEU B 426 28.05 -17.43 -19.24
CA LEU B 426 27.49 -16.67 -18.10
C LEU B 426 27.34 -17.58 -16.87
N GLY B 427 27.63 -18.87 -16.99
CA GLY B 427 27.54 -19.79 -15.87
C GLY B 427 26.10 -20.18 -15.58
N PRO B 428 25.83 -20.78 -14.42
CA PRO B 428 24.50 -21.37 -14.18
C PRO B 428 23.44 -20.35 -13.71
N ILE B 429 23.14 -19.42 -14.59
CA ILE B 429 22.16 -18.33 -14.38
C ILE B 429 20.74 -18.88 -14.69
N TYR B 430 19.77 -17.99 -14.73
CA TYR B 430 18.33 -18.25 -14.81
C TYR B 430 18.02 -19.52 -15.58
N GLY B 431 18.33 -19.51 -16.87
CA GLY B 431 18.00 -20.61 -17.79
C GLY B 431 18.37 -21.95 -17.19
N PHE B 432 19.60 -22.03 -16.69
CA PHE B 432 20.14 -23.28 -16.13
C PHE B 432 19.37 -23.63 -14.86
N GLN B 433 19.02 -22.64 -14.01
CA GLN B 433 18.33 -22.97 -12.74
C GLN B 433 16.86 -23.34 -13.02
N TRP B 434 16.21 -22.69 -13.96
CA TRP B 434 14.80 -23.00 -14.36
C TRP B 434 14.67 -24.43 -14.92
N ARG B 435 15.66 -24.91 -15.66
CA ARG B 435 15.57 -26.25 -16.34
C ARG B 435 16.42 -27.32 -15.66
N HIS B 436 17.44 -26.97 -14.86
CA HIS B 436 18.48 -27.95 -14.40
C HIS B 436 18.96 -27.67 -12.97
N PHE B 437 18.14 -27.10 -12.09
CA PHE B 437 18.59 -26.65 -10.76
C PHE B 437 19.24 -27.87 -10.08
N GLY B 438 20.46 -27.68 -9.57
CA GLY B 438 21.15 -28.77 -8.84
C GLY B 438 22.10 -29.54 -9.74
N ALA B 439 22.00 -29.50 -11.05
CA ALA B 439 23.00 -30.14 -11.93
C ALA B 439 24.36 -29.43 -11.79
N GLU B 440 25.45 -30.18 -12.02
CA GLU B 440 26.80 -29.59 -12.00
C GLU B 440 26.98 -28.82 -13.30
N TYR B 441 27.22 -27.54 -13.20
CA TYR B 441 27.58 -26.71 -14.37
C TYR B 441 29.01 -27.10 -14.83
N THR B 442 29.15 -27.31 -16.12
CA THR B 442 30.47 -27.58 -16.76
C THR B 442 30.83 -26.37 -17.60
N ASN B 443 30.20 -26.25 -18.75
CA ASN B 443 30.36 -25.11 -19.67
C ASN B 443 29.04 -24.91 -20.44
N MET B 444 28.94 -23.82 -21.17
CA MET B 444 27.68 -23.41 -21.86
C MET B 444 27.32 -24.31 -23.04
N TYR B 445 28.23 -25.24 -23.46
CA TYR B 445 28.05 -26.15 -24.62
C TYR B 445 27.66 -27.55 -24.19
N ASP B 446 27.72 -27.88 -22.91
CA ASP B 446 27.45 -29.25 -22.46
C ASP B 446 25.96 -29.62 -22.70
N ASN B 447 25.70 -30.92 -22.68
CA ASN B 447 24.37 -31.54 -22.79
C ASN B 447 23.85 -31.75 -21.37
N TYR B 448 22.89 -30.94 -20.93
CA TYR B 448 22.32 -31.07 -19.57
C TYR B 448 20.97 -31.82 -19.61
N GLU B 449 20.67 -32.50 -20.71
CA GLU B 449 19.30 -33.05 -20.91
C GLU B 449 19.02 -34.01 -19.75
N ASN B 450 17.86 -33.90 -19.09
CA ASN B 450 17.44 -34.74 -17.94
C ASN B 450 18.39 -34.59 -16.75
N LYS B 451 19.14 -33.49 -16.66
CA LYS B 451 20.02 -33.25 -15.48
C LYS B 451 19.40 -32.16 -14.60
N GLY B 452 19.41 -32.37 -13.28
CA GLY B 452 18.85 -31.49 -12.22
C GLY B 452 17.33 -31.37 -12.31
N VAL B 453 16.78 -30.40 -11.61
CA VAL B 453 15.32 -30.24 -11.43
C VAL B 453 14.79 -29.27 -12.49
N ASP B 454 13.88 -29.75 -13.33
CA ASP B 454 13.18 -28.92 -14.33
C ASP B 454 12.00 -28.24 -13.60
N GLN B 455 12.32 -27.12 -12.94
CA GLN B 455 11.36 -26.29 -12.21
C GLN B 455 10.29 -25.79 -13.16
N LEU B 456 10.64 -25.39 -14.37
CA LEU B 456 9.68 -24.76 -15.30
C LEU B 456 8.58 -25.79 -15.64
N LYS B 457 8.97 -27.01 -16.00
CA LYS B 457 8.04 -28.14 -16.20
C LYS B 457 7.21 -28.39 -14.94
N ASN B 458 7.84 -28.41 -13.77
CA ASN B 458 7.19 -28.76 -12.48
C ASN B 458 6.13 -27.69 -12.18
N ILE B 459 6.40 -26.40 -12.41
CA ILE B 459 5.35 -25.39 -12.03
C ILE B 459 4.19 -25.48 -13.02
N ILE B 460 4.47 -25.68 -14.30
CA ILE B 460 3.38 -25.83 -15.30
C ILE B 460 2.50 -27.03 -14.91
N ASN B 461 3.09 -28.16 -14.55
CA ASN B 461 2.35 -29.37 -14.13
C ASN B 461 1.53 -29.08 -12.87
N LEU B 462 2.08 -28.29 -11.92
CA LEU B 462 1.36 -27.97 -10.67
C LEU B 462 0.17 -27.06 -10.99
N ILE B 463 0.32 -26.08 -11.90
CA ILE B 463 -0.74 -25.13 -12.27
C ILE B 463 -1.91 -25.94 -12.91
N LYS B 464 -1.57 -26.88 -13.78
CA LYS B 464 -2.54 -27.73 -14.54
C LYS B 464 -3.19 -28.74 -13.59
N ASN B 465 -2.40 -29.38 -12.73
CA ASN B 465 -2.83 -30.57 -11.98
C ASN B 465 -3.13 -30.26 -10.51
N ASP B 466 -2.57 -29.20 -9.91
CA ASP B 466 -2.80 -28.95 -8.46
C ASP B 466 -2.84 -27.44 -8.24
N PRO B 467 -3.80 -26.74 -8.87
CA PRO B 467 -3.80 -25.28 -8.96
C PRO B 467 -3.94 -24.52 -7.63
N THR B 468 -4.40 -25.16 -6.56
CA THR B 468 -4.52 -24.52 -5.23
C THR B 468 -3.27 -24.80 -4.40
N SER B 469 -2.28 -25.47 -4.96
CA SER B 469 -0.95 -25.61 -4.32
C SER B 469 -0.40 -24.22 -3.93
N ARG B 470 0.18 -24.14 -2.75
CA ARG B 470 0.90 -22.92 -2.33
C ARG B 470 2.42 -23.10 -2.55
N ARG B 471 2.82 -24.08 -3.38
CA ARG B 471 4.24 -24.45 -3.58
C ARG B 471 4.62 -24.21 -5.03
N ILE B 472 3.83 -23.43 -5.76
CA ILE B 472 4.05 -23.18 -7.19
C ILE B 472 5.07 -22.02 -7.29
N LEU B 473 6.36 -22.34 -7.11
CA LEU B 473 7.45 -21.32 -7.07
C LEU B 473 8.51 -21.72 -8.04
N LEU B 474 9.04 -20.76 -8.77
CA LEU B 474 10.19 -20.94 -9.67
C LEU B 474 11.34 -20.08 -9.09
N CYS B 475 12.47 -20.67 -8.68
CA CYS B 475 13.51 -19.94 -7.91
C CYS B 475 14.83 -19.98 -8.67
N ALA B 476 15.41 -18.81 -8.93
CA ALA B 476 16.69 -18.65 -9.63
C ALA B 476 17.84 -18.51 -8.65
N TRP B 477 17.53 -18.30 -7.39
CA TRP B 477 18.58 -18.02 -6.38
C TRP B 477 19.10 -19.33 -5.82
N ASN B 478 20.02 -19.95 -6.56
CA ASN B 478 20.65 -21.21 -6.10
C ASN B 478 21.92 -20.82 -5.33
N VAL B 479 21.86 -20.91 -4.02
CA VAL B 479 22.94 -20.45 -3.11
C VAL B 479 24.26 -21.14 -3.46
N LYS B 480 24.19 -22.43 -3.77
CA LYS B 480 25.38 -23.24 -4.11
C LYS B 480 26.07 -22.64 -5.34
N ASP B 481 25.31 -22.17 -6.31
CA ASP B 481 25.87 -21.82 -7.64
C ASP B 481 26.18 -20.32 -7.73
N LEU B 482 25.73 -19.47 -6.80
CA LEU B 482 25.83 -18.00 -6.94
C LEU B 482 27.23 -17.58 -7.47
N ASP B 483 28.31 -18.05 -6.88
CA ASP B 483 29.67 -17.51 -7.21
C ASP B 483 30.11 -17.97 -8.61
N GLN B 484 29.47 -18.99 -9.16
CA GLN B 484 29.72 -19.47 -10.54
C GLN B 484 28.94 -18.64 -11.57
N MET B 485 27.92 -17.88 -11.17
CA MET B 485 27.16 -17.05 -12.11
C MET B 485 27.95 -15.76 -12.43
N ALA B 486 27.84 -15.25 -13.64
CA ALA B 486 28.41 -13.94 -14.01
C ALA B 486 27.87 -12.90 -13.05
N LEU B 487 26.59 -12.99 -12.68
CA LEU B 487 26.16 -12.31 -11.46
C LEU B 487 24.91 -12.99 -10.89
N PRO B 488 24.71 -12.85 -9.59
CA PRO B 488 23.58 -13.49 -8.92
C PRO B 488 22.31 -12.85 -9.47
N PRO B 489 21.20 -13.61 -9.55
CA PRO B 489 20.01 -13.09 -10.21
C PRO B 489 19.38 -11.95 -9.42
N CYS B 490 18.89 -10.92 -10.11
CA CYS B 490 18.07 -9.85 -9.51
C CYS B 490 16.66 -10.38 -9.21
N HIS B 491 16.14 -11.26 -10.06
CA HIS B 491 14.75 -11.78 -10.03
C HIS B 491 14.78 -13.10 -9.30
N ILE B 492 14.58 -13.04 -8.00
CA ILE B 492 14.86 -14.18 -7.10
C ILE B 492 13.89 -15.31 -7.40
N LEU B 493 12.60 -15.01 -7.47
CA LEU B 493 11.57 -16.06 -7.58
C LEU B 493 10.31 -15.49 -8.18
N CYS B 494 9.53 -16.37 -8.79
CA CYS B 494 8.14 -16.17 -9.23
C CYS B 494 7.28 -17.11 -8.43
N GLN B 495 6.19 -16.62 -7.83
CA GLN B 495 5.20 -17.50 -7.20
C GLN B 495 3.89 -17.31 -7.98
N PHE B 496 3.15 -18.41 -8.14
CA PHE B 496 1.91 -18.45 -8.94
C PHE B 496 0.73 -18.73 -8.02
N TYR B 497 -0.42 -18.21 -8.45
CA TYR B 497 -1.70 -18.32 -7.74
C TYR B 497 -2.79 -18.52 -8.79
N VAL B 498 -3.64 -19.54 -8.59
CA VAL B 498 -4.71 -19.86 -9.56
C VAL B 498 -6.05 -19.75 -8.82
N PHE B 499 -6.98 -19.00 -9.35
CA PHE B 499 -8.36 -19.00 -8.82
C PHE B 499 -9.32 -18.68 -9.96
N ASP B 500 -10.37 -19.49 -10.07
CA ASP B 500 -11.50 -19.31 -11.02
C ASP B 500 -10.99 -19.18 -12.46
N GLY B 501 -10.09 -20.06 -12.87
CA GLY B 501 -9.51 -20.09 -14.23
C GLY B 501 -8.53 -18.96 -14.50
N LYS B 502 -8.03 -18.27 -13.47
CA LYS B 502 -7.19 -17.05 -13.70
C LYS B 502 -5.83 -17.22 -13.01
N LEU B 503 -4.76 -16.72 -13.63
CA LEU B 503 -3.40 -16.92 -13.08
C LEU B 503 -2.80 -15.57 -12.68
N SER B 504 -2.34 -15.47 -11.43
CA SER B 504 -1.60 -14.31 -10.90
C SER B 504 -0.19 -14.80 -10.56
N CYS B 505 0.76 -13.86 -10.58
CA CYS B 505 2.21 -14.12 -10.41
C CYS B 505 2.81 -12.99 -9.57
N ILE B 506 3.48 -13.37 -8.48
CA ILE B 506 4.38 -12.48 -7.69
C ILE B 506 5.82 -12.77 -8.13
N MET B 507 6.56 -11.73 -8.45
CA MET B 507 8.02 -11.82 -8.69
C MET B 507 8.69 -10.96 -7.60
N TYR B 508 9.63 -11.56 -6.88
CA TYR B 508 10.43 -10.85 -5.87
C TYR B 508 11.76 -10.42 -6.49
N GLN B 509 12.06 -9.13 -6.43
CA GLN B 509 13.31 -8.60 -7.06
C GLN B 509 14.21 -8.00 -5.97
N ARG B 510 15.41 -8.54 -5.77
CA ARG B 510 16.28 -8.15 -4.63
C ARG B 510 16.83 -6.75 -4.89
N SER B 511 16.94 -6.37 -6.17
CA SER B 511 17.74 -5.18 -6.57
C SER B 511 17.11 -4.60 -7.80
N CYS B 512 16.67 -3.35 -7.68
CA CYS B 512 15.71 -2.73 -8.61
C CYS B 512 16.29 -1.37 -9.04
N ASP B 513 16.74 -1.29 -10.27
CA ASP B 513 17.20 -0.05 -10.93
C ASP B 513 15.98 0.64 -11.49
N LEU B 514 15.44 1.63 -10.77
CA LEU B 514 14.06 2.11 -11.06
C LEU B 514 14.07 2.82 -12.42
N GLY B 515 15.18 3.50 -12.75
CA GLY B 515 15.34 4.29 -13.98
C GLY B 515 15.41 3.46 -15.23
N LEU B 516 16.23 2.41 -15.22
CA LEU B 516 16.55 1.62 -16.44
C LEU B 516 15.92 0.23 -16.37
N GLY B 517 16.17 -0.52 -15.32
CA GLY B 517 15.84 -1.96 -15.27
C GLY B 517 14.34 -2.21 -15.05
N VAL B 518 13.74 -1.53 -14.08
CA VAL B 518 12.36 -1.87 -13.59
C VAL B 518 11.33 -1.77 -14.72
N PRO B 519 11.37 -0.78 -15.64
CA PRO B 519 10.40 -0.75 -16.75
C PRO B 519 10.43 -2.01 -17.62
N PHE B 520 11.63 -2.50 -17.95
CA PHE B 520 11.82 -3.78 -18.68
C PHE B 520 11.32 -4.93 -17.82
N ASN B 521 11.70 -4.95 -16.55
CA ASN B 521 11.41 -6.08 -15.65
C ASN B 521 9.88 -6.27 -15.53
N ILE B 522 9.11 -5.17 -15.46
CA ILE B 522 7.62 -5.25 -15.44
C ILE B 522 7.11 -5.91 -16.73
N ALA B 523 7.65 -5.50 -17.89
CA ALA B 523 7.24 -6.07 -19.18
C ALA B 523 7.60 -7.56 -19.26
N SER B 524 8.83 -7.95 -18.87
CA SER B 524 9.31 -9.36 -18.94
C SER B 524 8.34 -10.30 -18.22
N TYR B 525 8.06 -10.00 -16.96
CA TYR B 525 7.30 -10.91 -16.05
C TYR B 525 5.82 -10.81 -16.39
N SER B 526 5.38 -9.70 -16.97
CA SER B 526 3.99 -9.59 -17.47
C SER B 526 3.84 -10.50 -18.69
N ILE B 527 4.78 -10.45 -19.65
CA ILE B 527 4.79 -11.37 -20.83
C ILE B 527 4.81 -12.82 -20.32
N PHE B 528 5.70 -13.17 -19.38
CA PHE B 528 5.86 -14.55 -18.88
C PHE B 528 4.55 -15.02 -18.26
N THR B 529 3.88 -14.14 -17.50
CA THR B 529 2.59 -14.48 -16.84
C THR B 529 1.58 -14.87 -17.94
N HIS B 530 1.54 -14.12 -19.02
CA HIS B 530 0.65 -14.43 -20.19
C HIS B 530 1.04 -15.78 -20.79
N MET B 531 2.33 -16.02 -20.95
CA MET B 531 2.81 -17.28 -21.59
C MET B 531 2.37 -18.47 -20.77
N ILE B 532 2.66 -18.44 -19.48
CA ILE B 532 2.30 -19.54 -18.55
C ILE B 532 0.75 -19.72 -18.56
N ALA B 533 0.01 -18.61 -18.45
CA ALA B 533 -1.47 -18.68 -18.41
C ALA B 533 -1.96 -19.40 -19.68
N GLN B 534 -1.51 -18.95 -20.85
CA GLN B 534 -1.94 -19.50 -22.16
C GLN B 534 -1.61 -21.00 -22.25
N VAL B 535 -0.46 -21.47 -21.79
CA VAL B 535 -0.10 -22.90 -21.96
C VAL B 535 -0.79 -23.74 -20.89
N CYS B 536 -1.43 -23.15 -19.87
CA CYS B 536 -2.20 -23.90 -18.86
C CYS B 536 -3.72 -23.70 -19.05
N ASN B 537 -4.11 -23.10 -20.17
CA ASN B 537 -5.54 -22.79 -20.51
C ASN B 537 -6.15 -21.90 -19.44
N LEU B 538 -5.41 -20.89 -18.96
CA LEU B 538 -5.92 -19.99 -17.91
C LEU B 538 -5.93 -18.58 -18.49
N GLN B 539 -6.66 -17.65 -17.86
CA GLN B 539 -6.61 -16.21 -18.21
C GLN B 539 -5.64 -15.53 -17.24
N PRO B 540 -4.75 -14.63 -17.68
CA PRO B 540 -3.91 -13.89 -16.73
C PRO B 540 -4.76 -12.90 -15.94
N ALA B 541 -4.47 -12.80 -14.64
CA ALA B 541 -5.09 -11.87 -13.69
C ALA B 541 -4.02 -10.82 -13.33
N GLN B 542 -3.33 -10.92 -12.21
CA GLN B 542 -2.43 -9.85 -11.73
C GLN B 542 -0.97 -10.27 -11.88
N PHE B 543 -0.12 -9.30 -12.20
CA PHE B 543 1.34 -9.38 -12.01
C PHE B 543 1.67 -8.47 -10.84
N ILE B 544 2.24 -9.07 -9.79
CA ILE B 544 2.59 -8.43 -8.51
C ILE B 544 4.12 -8.39 -8.43
N HIS B 545 4.66 -7.19 -8.32
CA HIS B 545 6.13 -6.95 -8.41
C HIS B 545 6.57 -6.50 -7.03
N VAL B 546 7.36 -7.30 -6.36
CA VAL B 546 7.86 -6.98 -5.00
C VAL B 546 9.28 -6.48 -5.16
N LEU B 547 9.54 -5.25 -4.74
CA LEU B 547 10.90 -4.61 -4.86
C LEU B 547 11.57 -4.65 -3.50
N GLY B 548 12.76 -5.24 -3.41
CA GLY B 548 13.62 -5.24 -2.22
C GLY B 548 14.41 -3.95 -2.17
N ASN B 549 15.66 -3.99 -2.58
CA ASN B 549 16.49 -2.77 -2.56
C ASN B 549 16.14 -2.00 -3.82
N ALA B 550 15.41 -0.91 -3.66
CA ALA B 550 14.84 -0.16 -4.77
C ALA B 550 15.63 1.15 -4.85
N HIS B 551 16.32 1.41 -5.95
CA HIS B 551 17.29 2.55 -6.05
C HIS B 551 17.13 3.29 -7.35
N VAL B 552 17.31 4.59 -7.23
CA VAL B 552 17.46 5.52 -8.36
C VAL B 552 18.94 5.92 -8.41
N TYR B 553 19.63 5.57 -9.49
CA TYR B 553 20.99 6.05 -9.85
C TYR B 553 20.96 7.58 -9.90
N ASN B 554 21.91 8.20 -9.22
CA ASN B 554 22.13 9.67 -9.23
C ASN B 554 22.19 10.19 -10.68
N ASN B 555 22.70 9.43 -11.64
CA ASN B 555 22.81 9.86 -13.06
C ASN B 555 21.47 9.66 -13.82
N HIS B 556 20.40 9.20 -13.15
CA HIS B 556 19.05 9.15 -13.76
C HIS B 556 18.15 10.31 -13.27
N ILE B 557 18.56 11.12 -12.32
CA ILE B 557 17.65 11.99 -11.53
C ILE B 557 17.00 13.03 -12.46
N ASP B 558 17.77 13.62 -13.36
CA ASP B 558 17.30 14.70 -14.27
C ASP B 558 16.28 14.10 -15.23
N SER B 559 16.64 12.97 -15.81
CA SER B 559 15.78 12.23 -16.76
C SER B 559 14.45 11.85 -16.08
N LEU B 560 14.47 11.36 -14.84
CA LEU B 560 13.21 10.89 -14.17
C LEU B 560 12.36 12.13 -13.75
N LYS B 561 13.00 13.25 -13.42
CA LYS B 561 12.30 14.56 -13.21
C LYS B 561 11.49 14.87 -14.45
N ILE B 562 12.11 14.85 -15.62
CA ILE B 562 11.39 15.01 -16.91
C ILE B 562 10.23 13.99 -16.95
N GLN B 563 10.51 12.71 -16.68
CA GLN B 563 9.52 11.64 -16.91
C GLN B 563 8.30 11.82 -15.97
N LEU B 564 8.51 12.19 -14.72
CA LEU B 564 7.42 12.25 -13.71
C LEU B 564 6.40 13.36 -14.09
N ASN B 565 6.79 14.29 -14.95
CA ASN B 565 5.95 15.44 -15.37
C ASN B 565 5.31 15.12 -16.70
N ARG B 566 5.30 13.86 -17.11
CA ARG B 566 4.55 13.45 -18.31
C ARG B 566 3.29 12.73 -17.85
N ILE B 567 2.20 12.91 -18.57
CA ILE B 567 0.95 12.18 -18.23
C ILE B 567 0.87 10.90 -19.05
N PRO B 568 0.68 9.76 -18.37
CA PRO B 568 0.56 8.49 -19.07
C PRO B 568 -0.58 8.55 -20.09
N TYR B 569 -0.45 7.69 -21.08
CA TYR B 569 -1.46 7.36 -22.10
C TYR B 569 -2.11 6.05 -21.67
N PRO B 570 -3.30 5.71 -22.20
CA PRO B 570 -3.89 4.41 -21.93
C PRO B 570 -2.88 3.38 -22.46
N PHE B 571 -2.75 2.27 -21.74
CA PHE B 571 -1.73 1.23 -21.98
C PHE B 571 -2.04 0.45 -23.24
N PRO B 572 -1.04 -0.25 -23.82
CA PRO B 572 -1.28 -1.18 -24.91
C PRO B 572 -1.88 -2.49 -24.43
N THR B 573 -2.03 -3.41 -25.36
CA THR B 573 -2.45 -4.80 -25.12
C THR B 573 -1.35 -5.68 -25.73
N LEU B 574 -1.21 -6.89 -25.20
CA LEU B 574 -0.25 -7.92 -25.69
C LEU B 574 -1.12 -8.97 -26.36
N LYS B 575 -0.78 -9.37 -27.58
CA LYS B 575 -1.42 -10.55 -28.20
C LYS B 575 -0.37 -11.66 -28.38
N LEU B 576 -0.69 -12.85 -27.89
CA LEU B 576 0.10 -14.05 -28.20
C LEU B 576 -0.60 -14.83 -29.30
N ASN B 577 0.19 -15.43 -30.19
CA ASN B 577 -0.32 -16.48 -31.09
C ASN B 577 -1.11 -17.52 -30.28
N PRO B 578 -2.44 -17.61 -30.50
CA PRO B 578 -3.28 -18.51 -29.68
C PRO B 578 -3.01 -20.00 -29.91
N ASP B 579 -2.35 -20.34 -31.02
CA ASP B 579 -1.96 -21.73 -31.40
C ASP B 579 -0.90 -22.32 -30.45
N ILE B 580 -0.03 -21.48 -29.86
CA ILE B 580 1.08 -21.99 -29.00
C ILE B 580 0.52 -22.54 -27.70
N LYS B 581 0.68 -23.83 -27.46
CA LYS B 581 0.11 -24.47 -26.27
C LYS B 581 1.17 -25.11 -25.38
N ASN B 582 2.46 -25.03 -25.72
CA ASN B 582 3.54 -25.59 -24.85
C ASN B 582 4.57 -24.47 -24.60
N ILE B 583 5.05 -24.34 -23.37
CA ILE B 583 5.95 -23.20 -22.98
C ILE B 583 7.20 -23.14 -23.88
N GLU B 584 7.68 -24.29 -24.37
CA GLU B 584 8.90 -24.40 -25.22
C GLU B 584 8.59 -23.95 -26.65
N ASP B 585 7.33 -23.69 -27.06
CA ASP B 585 6.99 -23.58 -28.51
C ASP B 585 6.91 -22.12 -28.96
N PHE B 586 7.15 -21.13 -28.08
CA PHE B 586 6.98 -19.70 -28.44
C PHE B 586 8.20 -19.31 -29.29
N THR B 587 8.01 -18.42 -30.26
CA THR B 587 9.09 -17.77 -31.06
C THR B 587 8.82 -16.28 -31.10
N ILE B 588 9.79 -15.51 -31.56
CA ILE B 588 9.71 -14.04 -31.55
C ILE B 588 8.46 -13.55 -32.31
N SER B 589 8.02 -14.27 -33.36
CA SER B 589 6.87 -13.85 -34.21
C SER B 589 5.54 -14.11 -33.47
N ASP B 590 5.53 -14.84 -32.35
CA ASP B 590 4.29 -15.18 -31.61
C ASP B 590 3.78 -14.05 -30.69
N PHE B 591 4.42 -12.90 -30.66
CA PHE B 591 4.18 -11.82 -29.69
C PHE B 591 3.86 -10.54 -30.44
N THR B 592 2.72 -9.93 -30.13
CA THR B 592 2.39 -8.62 -30.74
C THR B 592 1.95 -7.65 -29.64
N ILE B 593 2.59 -6.49 -29.59
CA ILE B 593 2.10 -5.33 -28.79
C ILE B 593 1.14 -4.51 -29.66
N GLN B 594 -0.07 -4.23 -29.20
CA GLN B 594 -1.04 -3.46 -30.02
C GLN B 594 -1.31 -2.13 -29.33
N ASN B 595 -1.41 -1.06 -30.13
CA ASN B 595 -2.00 0.21 -29.68
C ASN B 595 -1.06 0.84 -28.64
N TYR B 596 0.24 0.70 -28.85
CA TYR B 596 1.25 1.30 -27.97
C TYR B 596 1.41 2.78 -28.32
N VAL B 597 0.90 3.63 -27.42
CA VAL B 597 0.93 5.11 -27.49
C VAL B 597 1.83 5.57 -26.35
N HIS B 598 2.89 6.29 -26.68
CA HIS B 598 4.01 6.52 -25.75
C HIS B 598 4.55 7.92 -25.98
N HIS B 599 5.08 8.51 -24.93
CA HIS B 599 5.87 9.75 -24.96
C HIS B 599 7.25 9.45 -25.57
N GLU B 600 7.98 10.51 -25.88
CA GLU B 600 9.31 10.45 -26.54
C GLU B 600 10.29 9.63 -25.71
N LYS B 601 11.17 8.90 -26.39
CA LYS B 601 12.29 8.14 -25.77
C LYS B 601 13.08 9.11 -24.88
N ILE B 602 13.54 8.65 -23.72
CA ILE B 602 14.45 9.38 -22.80
C ILE B 602 15.72 8.52 -22.68
N SER B 603 16.90 9.12 -22.89
CA SER B 603 18.22 8.52 -22.51
C SER B 603 18.40 8.76 -21.01
N MET B 604 18.47 7.70 -20.21
CA MET B 604 18.31 7.87 -18.73
C MET B 604 19.54 8.61 -18.18
N ASP B 605 20.74 8.26 -18.63
CA ASP B 605 21.99 8.97 -18.23
C ASP B 605 22.01 10.36 -18.87
#